data_9FON
#
_entry.id   9FON
#
_cell.length_a   119.543
_cell.length_b   119.543
_cell.length_c   101.804
_cell.angle_alpha   90
_cell.angle_beta   90
_cell.angle_gamma   120
#
_symmetry.space_group_name_H-M   'P 32 2 1'
#
loop_
_entity.id
_entity.type
_entity.pdbx_description
1 polymer 'Tryptophan 2,3-dioxygenase'
2 non-polymer 'PROTOPORPHYRIN IX CONTAINING FE'
3 non-polymer (~{R})-(7-chloranylimidazo[1,5-a]pyridin-5-yl)-(1-phenyl-1,2,3-triazol-4-yl)methanol
4 water water
#
_entity_poly.entity_id   1
_entity_poly.type   'polypeptide(L)'
_entity_poly.pdbx_seq_one_letter_code
;MGKIYGEYLMLDKLLDAQCMLSEEDKRPVHDEHLFIITHQAYELWFKQIIFEFDSIRDMLDAEVIDETKTLEIVKRLNRV
VLILKLLVDQVPILETMTPLDFMDFRKYLAPASGFQSLQFRLIENKLGVLTEQRVRYNQKYSDVFSDEEARNSIRNSEKD
PSLLELVQRWLERTPGLEESGFNFWAKFQESVDRFLEAQVQSAMEEPVEKAKNYRLMDIEKRREVYRSIFDPAVHDALVR
RGDRRFSHRALQGAIMITFYRDEPRFSQPHQLLTLLMDIDSLITKWRYNHVIMVQRMIGSQQLGTGGSSGYQYLRSTLSD
RYKVFLDLFNLSTFLIPREAIPPLDETIRKKLINKSVLEHHHHHH
;
_entity_poly.pdbx_strand_id   A,B
#
loop_
_chem_comp.id
_chem_comp.type
_chem_comp.name
_chem_comp.formula
A1IER non-polymer (~{R})-(7-chloranylimidazo[1,5-a]pyridin-5-yl)-(1-phenyl-1,2,3-triazol-4-yl)methanol 'C16 H12 Cl N5 O'
HEM non-polymer 'PROTOPORPHYRIN IX CONTAINING FE' 'C34 H32 Fe N4 O4'
#
# COMPACT_ATOMS: atom_id res chain seq x y z
N LYS A 3 -15.73 -13.66 38.84
CA LYS A 3 -14.80 -13.82 39.94
C LYS A 3 -13.56 -14.61 39.51
N ILE A 4 -13.73 -15.84 39.01
CA ILE A 4 -12.59 -16.59 38.49
C ILE A 4 -12.29 -16.18 37.01
N TYR A 5 -11.15 -16.59 36.44
CA TYR A 5 -10.69 -16.20 35.10
C TYR A 5 -11.78 -16.30 34.00
N GLY A 6 -12.33 -17.50 33.82
CA GLY A 6 -13.37 -17.75 32.83
C GLY A 6 -14.63 -16.93 33.04
N GLU A 7 -15.01 -16.69 34.29
CA GLU A 7 -16.21 -15.92 34.60
C GLU A 7 -15.99 -14.42 34.39
N TYR A 8 -14.82 -13.91 34.79
CA TYR A 8 -14.44 -12.51 34.61
C TYR A 8 -14.40 -12.16 33.12
N LEU A 9 -13.87 -13.06 32.29
CA LEU A 9 -13.79 -12.85 30.83
C LEU A 9 -15.01 -13.34 30.06
N MET A 10 -16.01 -13.93 30.77
CA MET A 10 -17.25 -14.46 30.22
C MET A 10 -17.00 -15.39 29.06
N LEU A 11 -16.05 -16.32 29.24
CA LEU A 11 -15.71 -17.30 28.22
C LEU A 11 -16.85 -18.26 27.92
N ASP A 12 -17.85 -18.36 28.81
CA ASP A 12 -19.07 -19.15 28.63
C ASP A 12 -19.79 -18.61 27.38
N LYS A 13 -19.91 -17.28 27.30
CA LYS A 13 -20.52 -16.50 26.24
C LYS A 13 -19.53 -16.37 25.05
N LEU A 14 -18.29 -15.88 25.28
CA LEU A 14 -17.27 -15.68 24.25
C LEU A 14 -16.92 -16.91 23.44
N LEU A 15 -16.75 -18.04 24.13
CA LEU A 15 -16.35 -19.28 23.48
C LEU A 15 -17.50 -20.20 23.09
N ASP A 16 -18.72 -19.67 23.09
CA ASP A 16 -19.89 -20.38 22.57
C ASP A 16 -20.52 -19.53 21.40
N ALA A 17 -19.70 -18.68 20.74
CA ALA A 17 -20.14 -17.86 19.64
C ALA A 17 -19.56 -18.33 18.31
N GLN A 18 -19.02 -19.56 18.24
CA GLN A 18 -18.42 -20.08 17.02
C GLN A 18 -19.32 -21.16 16.43
N CYS A 19 -19.99 -20.84 15.31
CA CYS A 19 -20.93 -21.76 14.69
C CYS A 19 -20.62 -21.94 13.19
N MET A 20 -19.95 -23.03 12.83
CA MET A 20 -19.64 -23.30 11.43
C MET A 20 -20.89 -23.81 10.70
N LEU A 21 -21.36 -23.04 9.70
CA LEU A 21 -22.52 -23.41 8.91
C LEU A 21 -22.27 -24.61 8.04
N SER A 22 -21.04 -24.80 7.53
CA SER A 22 -20.73 -26.00 6.76
C SER A 22 -20.82 -27.25 7.66
N GLU A 23 -20.49 -27.14 8.97
CA GLU A 23 -20.60 -28.24 9.91
C GLU A 23 -22.09 -28.53 10.18
N GLU A 24 -22.92 -27.47 10.32
CA GLU A 24 -24.36 -27.60 10.51
C GLU A 24 -25.02 -28.32 9.33
N ASP A 25 -24.51 -28.13 8.11
CA ASP A 25 -25.01 -28.79 6.90
C ASP A 25 -24.37 -30.16 6.66
N LYS A 26 -23.72 -30.76 7.70
CA LYS A 26 -23.08 -32.07 7.68
C LYS A 26 -22.01 -32.23 6.60
N ARG A 27 -21.35 -31.13 6.20
CA ARG A 27 -20.22 -31.16 5.26
C ARG A 27 -19.20 -30.13 5.74
N PRO A 28 -18.57 -30.38 6.91
CA PRO A 28 -17.68 -29.37 7.49
C PRO A 28 -16.43 -29.06 6.68
N VAL A 29 -16.08 -27.77 6.64
CA VAL A 29 -14.87 -27.28 5.99
C VAL A 29 -14.02 -26.74 7.14
N HIS A 30 -12.89 -27.41 7.42
CA HIS A 30 -12.01 -27.06 8.53
C HIS A 30 -11.68 -25.55 8.63
N ASP A 31 -11.37 -24.91 7.50
CA ASP A 31 -10.99 -23.50 7.50
C ASP A 31 -12.10 -22.52 7.80
N GLU A 32 -13.37 -22.96 7.85
CA GLU A 32 -14.45 -22.04 8.21
C GLU A 32 -14.27 -21.56 9.67
N HIS A 33 -13.68 -22.41 10.54
CA HIS A 33 -13.37 -22.08 11.92
C HIS A 33 -12.41 -20.87 11.96
N LEU A 34 -11.34 -20.91 11.15
CA LEU A 34 -10.37 -19.82 11.03
C LEU A 34 -11.06 -18.56 10.53
N PHE A 35 -11.94 -18.70 9.51
CA PHE A 35 -12.71 -17.59 8.96
C PHE A 35 -13.53 -16.89 10.06
N ILE A 36 -14.19 -17.66 10.91
CA ILE A 36 -15.00 -17.08 12.00
C ILE A 36 -14.11 -16.44 13.07
N ILE A 37 -13.09 -17.17 13.57
CA ILE A 37 -12.20 -16.66 14.62
C ILE A 37 -11.49 -15.36 14.20
N THR A 38 -10.99 -15.28 12.94
CA THR A 38 -10.31 -14.09 12.43
C THR A 38 -11.21 -12.89 12.48
N HIS A 39 -12.47 -13.04 12.01
CA HIS A 39 -13.44 -11.96 12.02
C HIS A 39 -13.79 -11.56 13.42
N GLN A 40 -13.96 -12.52 14.32
CA GLN A 40 -14.30 -12.23 15.71
C GLN A 40 -13.18 -11.47 16.42
N ALA A 41 -11.92 -11.78 16.10
CA ALA A 41 -10.76 -11.08 16.67
C ALA A 41 -10.74 -9.65 16.14
N TYR A 42 -11.05 -9.44 14.82
CA TYR A 42 -11.20 -8.08 14.25
C TYR A 42 -12.27 -7.31 15.03
N GLU A 43 -13.46 -7.92 15.23
CA GLU A 43 -14.57 -7.24 15.91
C GLU A 43 -14.29 -6.91 17.36
N LEU A 44 -13.50 -7.76 18.08
CA LEU A 44 -13.13 -7.42 19.46
C LEU A 44 -12.25 -6.16 19.45
N TRP A 45 -11.26 -6.12 18.56
CA TRP A 45 -10.36 -4.98 18.45
C TRP A 45 -11.05 -3.72 17.90
N PHE A 46 -12.07 -3.86 17.02
CA PHE A 46 -12.89 -2.74 16.54
C PHE A 46 -13.61 -2.12 17.74
N LYS A 47 -14.13 -2.96 18.66
CA LYS A 47 -14.79 -2.48 19.86
C LYS A 47 -13.81 -1.69 20.75
N GLN A 48 -12.56 -2.13 20.82
CA GLN A 48 -11.52 -1.42 21.57
C GLN A 48 -11.16 -0.09 20.92
N ILE A 49 -11.00 -0.08 19.60
CA ILE A 49 -10.71 1.16 18.86
C ILE A 49 -11.85 2.16 19.03
N ILE A 50 -13.10 1.72 18.99
CA ILE A 50 -14.25 2.61 19.17
C ILE A 50 -14.22 3.18 20.60
N PHE A 51 -13.95 2.32 21.58
CA PHE A 51 -13.83 2.74 22.97
C PHE A 51 -12.74 3.81 23.16
N GLU A 52 -11.57 3.60 22.55
CA GLU A 52 -10.48 4.58 22.62
C GLU A 52 -10.87 5.87 21.90
N PHE A 53 -11.43 5.78 20.69
CA PHE A 53 -11.85 6.94 19.90
C PHE A 53 -12.86 7.79 20.65
N ASP A 54 -13.91 7.18 21.24
CA ASP A 54 -14.92 7.94 21.98
C ASP A 54 -14.34 8.67 23.16
N SER A 55 -13.37 8.06 23.87
CA SER A 55 -12.72 8.70 25.00
C SER A 55 -11.82 9.86 24.55
N ILE A 56 -11.19 9.74 23.38
CA ILE A 56 -10.35 10.81 22.83
C ILE A 56 -11.24 11.95 22.33
N ARG A 57 -12.41 11.63 21.74
CA ARG A 57 -13.36 12.64 21.30
C ARG A 57 -13.89 13.43 22.48
N ASP A 58 -14.16 12.76 23.62
CA ASP A 58 -14.61 13.46 24.83
C ASP A 58 -13.55 14.41 25.37
N MET A 59 -12.28 13.98 25.35
CA MET A 59 -11.19 14.84 25.84
C MET A 59 -10.94 16.03 24.91
N LEU A 60 -11.14 15.84 23.59
CA LEU A 60 -11.00 16.90 22.58
C LEU A 60 -12.22 17.85 22.53
N ASP A 61 -13.39 17.40 23.00
CA ASP A 61 -14.59 18.23 23.01
C ASP A 61 -14.63 19.06 24.29
N ALA A 62 -13.64 19.91 24.46
CA ALA A 62 -13.52 20.75 25.64
C ALA A 62 -12.78 22.04 25.25
N GLU A 63 -13.09 23.16 25.93
CA GLU A 63 -12.40 24.43 25.62
C GLU A 63 -10.94 24.36 26.10
N VAL A 64 -10.70 23.74 27.28
CA VAL A 64 -9.36 23.60 27.82
C VAL A 64 -8.70 22.23 27.53
N ILE A 65 -7.66 22.20 26.67
CA ILE A 65 -6.90 20.96 26.42
C ILE A 65 -5.48 21.11 27.01
N ASP A 66 -5.31 20.70 28.28
CA ASP A 66 -4.02 20.85 28.97
C ASP A 66 -2.98 19.79 28.55
N GLU A 67 -1.73 19.93 29.03
CA GLU A 67 -0.67 18.99 28.71
C GLU A 67 -0.92 17.60 29.28
N THR A 68 -1.66 17.49 30.40
CA THR A 68 -1.93 16.22 31.05
C THR A 68 -2.89 15.40 30.18
N LYS A 69 -3.93 16.04 29.66
CA LYS A 69 -4.92 15.42 28.78
C LYS A 69 -4.32 15.09 27.41
N THR A 70 -3.39 15.93 26.92
CA THR A 70 -2.70 15.75 25.64
C THR A 70 -1.86 14.48 25.68
N LEU A 71 -1.14 14.26 26.79
CA LEU A 71 -0.34 13.06 27.01
C LEU A 71 -1.22 11.81 26.98
N GLU A 72 -2.42 11.89 27.53
CA GLU A 72 -3.35 10.78 27.58
C GLU A 72 -3.93 10.48 26.21
N ILE A 73 -4.18 11.52 25.40
CA ILE A 73 -4.68 11.35 24.04
C ILE A 73 -3.57 10.68 23.20
N VAL A 74 -2.31 11.16 23.31
CA VAL A 74 -1.14 10.60 22.60
C VAL A 74 -0.96 9.12 22.98
N LYS A 75 -1.13 8.78 24.27
CA LYS A 75 -1.03 7.39 24.70
C LYS A 75 -2.09 6.51 24.03
N ARG A 76 -3.35 6.98 23.99
CA ARG A 76 -4.43 6.16 23.42
C ARG A 76 -4.41 6.12 21.90
N LEU A 77 -3.93 7.19 21.24
CA LEU A 77 -3.78 7.17 19.78
C LEU A 77 -2.66 6.17 19.44
N ASN A 78 -1.57 6.15 20.21
CA ASN A 78 -0.46 5.22 20.01
C ASN A 78 -0.94 3.76 20.17
N ARG A 79 -1.82 3.53 21.15
CA ARG A 79 -2.43 2.23 21.40
C ARG A 79 -3.25 1.80 20.19
N VAL A 80 -4.04 2.72 19.60
CA VAL A 80 -4.82 2.44 18.39
C VAL A 80 -3.88 2.10 17.22
N VAL A 81 -2.74 2.80 17.10
CA VAL A 81 -1.72 2.50 16.07
C VAL A 81 -1.22 1.04 16.24
N LEU A 82 -0.90 0.61 17.48
CA LEU A 82 -0.46 -0.75 17.74
C LEU A 82 -1.55 -1.76 17.39
N ILE A 83 -2.81 -1.45 17.74
CA ILE A 83 -3.93 -2.34 17.44
C ILE A 83 -4.13 -2.46 15.92
N LEU A 84 -4.00 -1.33 15.18
CA LEU A 84 -4.14 -1.33 13.72
C LEU A 84 -3.01 -2.12 13.03
N LYS A 85 -1.77 -2.06 13.57
CA LYS A 85 -0.69 -2.87 12.99
C LYS A 85 -0.97 -4.36 13.18
N LEU A 86 -1.54 -4.72 14.34
CA LEU A 86 -1.92 -6.10 14.63
C LEU A 86 -3.02 -6.56 13.67
N LEU A 87 -4.00 -5.69 13.39
CA LEU A 87 -5.11 -6.02 12.46
C LEU A 87 -4.64 -6.18 11.04
N VAL A 88 -3.63 -5.43 10.63
CA VAL A 88 -3.03 -5.57 9.30
C VAL A 88 -2.35 -6.95 9.24
N ASP A 89 -1.67 -7.39 10.33
CA ASP A 89 -1.02 -8.71 10.41
C ASP A 89 -1.98 -9.90 10.49
N GLN A 90 -3.26 -9.67 10.75
CA GLN A 90 -4.25 -10.75 10.76
C GLN A 90 -4.63 -11.19 9.34
N VAL A 91 -4.37 -10.36 8.31
CA VAL A 91 -4.68 -10.71 6.94
C VAL A 91 -3.82 -11.93 6.48
N PRO A 92 -2.47 -11.96 6.64
CA PRO A 92 -1.72 -13.16 6.22
C PRO A 92 -2.15 -14.46 6.89
N ILE A 93 -2.76 -14.38 8.07
CA ILE A 93 -3.26 -15.56 8.78
C ILE A 93 -4.48 -16.11 8.00
N LEU A 94 -5.46 -15.26 7.63
CA LEU A 94 -6.61 -15.75 6.87
C LEU A 94 -6.22 -16.18 5.42
N GLU A 95 -5.16 -15.60 4.87
CA GLU A 95 -4.63 -15.96 3.55
C GLU A 95 -4.07 -17.39 3.47
N THR A 96 -3.85 -18.03 4.62
CA THR A 96 -3.39 -19.40 4.75
C THR A 96 -4.53 -20.40 4.32
N MET A 97 -5.80 -19.93 4.24
CA MET A 97 -6.95 -20.67 3.75
C MET A 97 -6.89 -20.62 2.22
N THR A 98 -6.96 -21.78 1.57
CA THR A 98 -6.91 -21.85 0.11
C THR A 98 -8.23 -21.40 -0.53
N PRO A 99 -8.15 -20.82 -1.75
CA PRO A 99 -9.38 -20.44 -2.45
C PRO A 99 -10.40 -21.59 -2.61
N LEU A 100 -9.92 -22.84 -2.85
CA LEU A 100 -10.82 -23.98 -3.01
C LEU A 100 -11.54 -24.36 -1.74
N ASP A 101 -10.91 -24.18 -0.57
CA ASP A 101 -11.58 -24.48 0.70
C ASP A 101 -12.61 -23.42 1.01
N PHE A 102 -12.29 -22.14 0.74
CA PHE A 102 -13.23 -21.03 0.93
C PHE A 102 -14.44 -21.23 0.01
N MET A 103 -14.23 -21.76 -1.21
CA MET A 103 -15.31 -22.05 -2.16
C MET A 103 -16.31 -23.08 -1.59
N ASP A 104 -15.83 -24.03 -0.77
CA ASP A 104 -16.71 -25.05 -0.19
C ASP A 104 -17.60 -24.56 0.94
N PHE A 105 -17.41 -23.31 1.45
CA PHE A 105 -18.32 -22.80 2.48
C PHE A 105 -18.85 -21.39 2.18
N ARG A 106 -18.29 -20.69 1.19
CA ARG A 106 -18.71 -19.31 0.89
C ARG A 106 -20.19 -19.21 0.52
N LYS A 107 -20.78 -20.29 -0.03
CA LYS A 107 -22.20 -20.33 -0.37
C LYS A 107 -23.12 -20.17 0.85
N TYR A 108 -22.67 -20.58 2.06
CA TYR A 108 -23.46 -20.43 3.29
C TYR A 108 -23.44 -18.99 3.82
N LEU A 109 -22.45 -18.18 3.40
CA LEU A 109 -22.32 -16.79 3.83
C LEU A 109 -23.53 -16.00 3.35
N ALA A 110 -23.93 -16.25 2.08
CA ALA A 110 -25.10 -15.78 1.34
C ALA A 110 -25.57 -14.36 1.70
N PRO A 111 -26.47 -14.12 2.69
CA PRO A 111 -26.87 -12.72 2.96
C PRO A 111 -25.81 -11.88 3.71
N ALA A 112 -24.81 -12.52 4.31
CA ALA A 112 -23.74 -11.82 5.03
C ALA A 112 -22.85 -11.04 4.08
N SER A 113 -22.44 -9.86 4.49
CA SER A 113 -21.56 -9.01 3.71
C SER A 113 -20.63 -8.23 4.62
N GLY A 114 -19.41 -7.95 4.13
CA GLY A 114 -18.46 -7.12 4.85
C GLY A 114 -19.01 -5.72 5.11
N PHE A 115 -19.95 -5.26 4.24
CA PHE A 115 -20.65 -3.99 4.35
C PHE A 115 -21.51 -3.95 5.63
N GLN A 116 -21.93 -5.12 6.17
CA GLN A 116 -22.75 -5.23 7.39
C GLN A 116 -21.94 -5.15 8.71
N SER A 117 -20.64 -4.79 8.65
CA SER A 117 -19.88 -4.60 9.89
C SER A 117 -20.19 -3.19 10.39
N LEU A 118 -21.07 -3.08 11.38
CA LEU A 118 -21.43 -1.81 11.96
C LEU A 118 -20.20 -1.13 12.58
N GLN A 119 -19.38 -1.91 13.29
CA GLN A 119 -18.21 -1.36 13.96
C GLN A 119 -17.19 -0.79 13.01
N PHE A 120 -16.99 -1.38 11.82
CA PHE A 120 -16.05 -0.80 10.84
C PHE A 120 -16.55 0.58 10.36
N ARG A 121 -17.87 0.71 10.11
CA ARG A 121 -18.44 2.00 9.71
C ARG A 121 -18.30 3.02 10.81
N LEU A 122 -18.57 2.61 12.07
CA LEU A 122 -18.44 3.49 13.23
C LEU A 122 -17.01 4.00 13.37
N ILE A 123 -15.99 3.16 13.14
CA ILE A 123 -14.58 3.60 13.18
C ILE A 123 -14.31 4.65 12.08
N GLU A 124 -14.75 4.37 10.84
CA GLU A 124 -14.59 5.31 9.71
C GLU A 124 -15.23 6.68 10.02
N ASN A 125 -16.48 6.67 10.51
CA ASN A 125 -17.19 7.91 10.80
C ASN A 125 -16.62 8.63 11.98
N LYS A 126 -16.30 7.90 13.07
CA LYS A 126 -15.71 8.55 14.25
C LYS A 126 -14.33 9.14 13.94
N LEU A 127 -13.57 8.54 13.01
CA LEU A 127 -12.28 9.11 12.62
C LEU A 127 -12.56 10.36 11.76
N GLY A 128 -13.50 10.27 10.83
CA GLY A 128 -13.91 11.43 10.06
C GLY A 128 -14.14 11.23 8.58
N VAL A 129 -14.44 10.01 8.11
CA VAL A 129 -14.73 9.79 6.71
C VAL A 129 -16.05 10.48 6.35
N LEU A 130 -16.02 11.45 5.43
CA LEU A 130 -17.23 12.18 5.05
C LEU A 130 -18.11 11.30 4.14
N THR A 131 -19.42 11.27 4.42
CA THR A 131 -20.38 10.47 3.65
C THR A 131 -20.40 10.86 2.15
N GLU A 132 -20.23 12.17 1.87
CA GLU A 132 -20.20 12.73 0.51
C GLU A 132 -18.96 12.29 -0.27
N GLN A 133 -17.84 12.02 0.42
CA GLN A 133 -16.61 11.58 -0.25
C GLN A 133 -16.55 10.06 -0.53
N ARG A 134 -17.56 9.30 -0.07
CA ARG A 134 -17.59 7.85 -0.29
C ARG A 134 -17.97 7.52 -1.74
N VAL A 135 -17.37 6.46 -2.30
CA VAL A 135 -17.70 6.00 -3.65
C VAL A 135 -18.94 5.13 -3.55
N ARG A 136 -20.04 5.53 -4.24
CA ARG A 136 -21.31 4.82 -4.18
C ARG A 136 -21.82 4.44 -5.56
N GLN A 139 -26.52 1.64 -3.78
CA GLN A 139 -26.98 1.57 -2.39
C GLN A 139 -26.07 2.40 -1.49
N LYS A 140 -26.65 3.25 -0.65
CA LYS A 140 -25.90 4.04 0.33
C LYS A 140 -25.34 3.06 1.38
N TYR A 141 -24.13 3.33 1.91
CA TYR A 141 -23.49 2.44 2.87
C TYR A 141 -24.38 2.12 4.10
N SER A 142 -25.13 3.11 4.58
CA SER A 142 -26.02 2.97 5.75
C SER A 142 -27.29 2.17 5.49
N ASP A 143 -27.70 2.06 4.21
CA ASP A 143 -28.88 1.30 3.79
C ASP A 143 -28.78 -0.20 4.03
N VAL A 144 -27.55 -0.70 4.12
CA VAL A 144 -27.20 -2.09 4.38
C VAL A 144 -27.72 -2.56 5.78
N PHE A 145 -27.91 -1.63 6.72
CA PHE A 145 -28.36 -1.93 8.07
C PHE A 145 -29.87 -1.78 8.25
N SER A 146 -30.57 -2.90 8.55
CA SER A 146 -32.02 -2.93 8.76
C SER A 146 -32.42 -2.76 10.23
N ASP A 147 -31.51 -3.06 11.17
CA ASP A 147 -31.77 -2.94 12.61
C ASP A 147 -31.84 -1.46 13.03
N GLU A 148 -32.84 -1.10 13.84
CA GLU A 148 -33.03 0.28 14.27
C GLU A 148 -31.89 0.83 15.12
N GLU A 149 -31.35 0.02 16.05
CA GLU A 149 -30.24 0.46 16.88
C GLU A 149 -28.97 0.65 16.04
N ALA A 150 -28.77 -0.21 15.01
CA ALA A 150 -27.63 -0.09 14.09
C ALA A 150 -27.74 1.22 13.30
N ARG A 151 -28.94 1.52 12.74
CA ARG A 151 -29.20 2.76 11.98
C ARG A 151 -29.00 3.99 12.85
N ASN A 152 -29.44 3.90 14.12
CA ASN A 152 -29.29 4.99 15.08
C ASN A 152 -27.82 5.25 15.33
N SER A 153 -27.04 4.18 15.53
CA SER A 153 -25.60 4.26 15.78
C SER A 153 -24.87 4.92 14.62
N ILE A 154 -25.16 4.46 13.37
CA ILE A 154 -24.57 5.05 12.16
C ILE A 154 -24.92 6.53 12.05
N ARG A 155 -26.20 6.88 12.19
CA ARG A 155 -26.65 8.26 12.12
C ARG A 155 -25.95 9.13 13.17
N ASN A 156 -25.83 8.64 14.41
CA ASN A 156 -25.16 9.36 15.47
C ASN A 156 -23.68 9.55 15.16
N SER A 157 -22.99 8.52 14.62
CA SER A 157 -21.57 8.64 14.27
C SER A 157 -21.32 9.67 13.17
N GLU A 158 -22.31 9.91 12.29
CA GLU A 158 -22.19 10.91 11.23
C GLU A 158 -22.39 12.33 11.79
N LYS A 159 -23.42 12.52 12.65
CA LYS A 159 -23.76 13.84 13.19
C LYS A 159 -22.89 14.29 14.34
N ASP A 160 -22.40 13.36 15.18
CA ASP A 160 -21.51 13.74 16.30
C ASP A 160 -20.18 14.22 15.71
N PRO A 161 -19.50 15.18 16.34
CA PRO A 161 -18.20 15.62 15.81
C PRO A 161 -17.18 14.47 15.75
N SER A 162 -16.60 14.28 14.58
CA SER A 162 -15.60 13.26 14.33
C SER A 162 -14.25 13.73 14.89
N LEU A 163 -13.23 12.85 14.89
CA LEU A 163 -11.89 13.25 15.31
C LEU A 163 -11.35 14.34 14.36
N LEU A 164 -11.70 14.26 13.05
CA LEU A 164 -11.32 15.28 12.08
C LEU A 164 -11.85 16.67 12.50
N GLU A 165 -13.15 16.77 12.83
CA GLU A 165 -13.74 18.05 13.24
C GLU A 165 -13.15 18.53 14.55
N LEU A 166 -13.06 17.65 15.55
CA LEU A 166 -12.53 18.03 16.86
C LEU A 166 -11.07 18.47 16.81
N VAL A 167 -10.23 17.78 16.02
CA VAL A 167 -8.81 18.15 15.91
C VAL A 167 -8.67 19.54 15.28
N GLN A 168 -9.54 19.85 14.29
CA GLN A 168 -9.57 21.17 13.66
C GLN A 168 -9.91 22.29 14.66
N ARG A 169 -10.95 22.11 15.51
CA ARG A 169 -11.31 23.13 16.52
C ARG A 169 -10.15 23.37 17.46
N TRP A 170 -9.45 22.30 17.87
CA TRP A 170 -8.29 22.37 18.75
C TRP A 170 -7.14 23.11 18.06
N LEU A 171 -6.93 22.86 16.77
CA LEU A 171 -5.87 23.50 15.99
C LEU A 171 -6.16 24.99 15.78
N GLU A 172 -7.43 25.36 15.63
CA GLU A 172 -7.86 26.75 15.42
C GLU A 172 -7.52 27.62 16.64
N ARG A 173 -7.70 27.05 17.85
CA ARG A 173 -7.42 27.69 19.11
C ARG A 173 -5.95 27.56 19.54
N THR A 174 -5.04 27.28 18.60
CA THR A 174 -3.62 27.13 18.94
C THR A 174 -3.03 28.41 19.47
N PRO A 175 -2.52 28.41 20.71
CA PRO A 175 -1.86 29.62 21.22
C PRO A 175 -0.55 29.82 20.44
N GLY A 176 -0.45 30.99 19.85
CA GLY A 176 0.66 31.34 18.99
C GLY A 176 0.15 31.98 17.72
N LEU A 177 -1.03 31.57 17.26
CA LEU A 177 -1.70 32.12 16.09
C LEU A 177 -2.38 33.47 16.41
N GLU A 178 -2.71 33.72 17.71
CA GLU A 178 -3.38 34.92 18.19
C GLU A 178 -2.70 36.19 17.68
N GLU A 179 -3.44 37.02 16.96
CA GLU A 179 -2.90 38.24 16.38
C GLU A 179 -2.44 39.26 17.46
N SER A 180 -3.07 39.20 18.66
CA SER A 180 -2.70 39.99 19.83
C SER A 180 -1.38 39.48 20.46
N GLY A 181 -1.18 38.15 20.42
CA GLY A 181 -0.01 37.51 20.99
C GLY A 181 1.16 37.32 20.05
N PHE A 182 1.58 36.05 19.88
CA PHE A 182 2.74 35.69 19.07
C PHE A 182 2.55 36.04 17.59
N ASN A 183 1.30 36.02 17.09
CA ASN A 183 0.96 36.40 15.72
C ASN A 183 1.84 35.68 14.67
N PHE A 184 1.84 34.33 14.73
CA PHE A 184 2.67 33.49 13.87
C PHE A 184 2.42 33.68 12.38
N TRP A 185 1.15 33.67 11.94
CA TRP A 185 0.85 33.73 10.51
C TRP A 185 1.46 34.92 9.79
N ALA A 186 1.38 36.12 10.38
CA ALA A 186 1.94 37.32 9.77
C ALA A 186 3.46 37.26 9.73
N LYS A 187 4.09 36.83 10.84
CA LYS A 187 5.56 36.71 10.90
C LYS A 187 6.07 35.73 9.85
N PHE A 188 5.34 34.61 9.67
CA PHE A 188 5.64 33.55 8.72
C PHE A 188 5.64 34.13 7.30
N GLN A 189 4.61 34.94 6.95
CA GLN A 189 4.54 35.59 5.61
C GLN A 189 5.75 36.48 5.34
N GLU A 190 6.16 37.28 6.34
CA GLU A 190 7.31 38.17 6.23
C GLU A 190 8.59 37.37 6.08
N SER A 191 8.73 36.26 6.85
CA SER A 191 9.89 35.37 6.79
C SER A 191 10.01 34.74 5.42
N VAL A 192 8.88 34.35 4.82
CA VAL A 192 8.86 33.77 3.49
C VAL A 192 9.36 34.81 2.46
N ASP A 193 8.87 36.06 2.56
CA ASP A 193 9.31 37.12 1.64
C ASP A 193 10.81 37.37 1.80
N ARG A 194 11.29 37.53 3.04
CA ARG A 194 12.70 37.75 3.28
C ARG A 194 13.56 36.60 2.79
N PHE A 195 13.14 35.36 3.08
CA PHE A 195 13.84 34.15 2.66
C PHE A 195 13.88 34.01 1.13
N LEU A 196 12.73 34.15 0.46
CA LEU A 196 12.66 34.05 -1.00
C LEU A 196 13.40 35.20 -1.72
N GLU A 197 13.38 36.43 -1.16
CA GLU A 197 14.11 37.58 -1.73
C GLU A 197 15.60 37.31 -1.72
N ALA A 198 16.10 36.72 -0.62
CA ALA A 198 17.50 36.33 -0.49
C ALA A 198 17.85 35.22 -1.47
N GLN A 199 16.90 34.29 -1.71
CA GLN A 199 17.12 33.18 -2.66
C GLN A 199 17.28 33.75 -4.08
N VAL A 200 16.49 34.79 -4.43
CA VAL A 200 16.57 35.45 -5.73
C VAL A 200 17.93 36.14 -5.91
N GLN A 201 18.39 36.87 -4.88
CA GLN A 201 19.68 37.56 -4.89
C GLN A 201 20.84 36.57 -5.00
N SER A 202 20.72 35.40 -4.37
CA SER A 202 21.75 34.37 -4.43
C SER A 202 21.76 33.66 -5.80
N ALA A 203 20.58 33.48 -6.41
CA ALA A 203 20.43 32.82 -7.71
C ALA A 203 21.09 33.64 -8.83
N MET A 204 21.08 34.97 -8.71
CA MET A 204 21.67 35.86 -9.70
C MET A 204 23.19 35.68 -9.81
N GLU A 205 23.84 35.34 -8.70
CA GLU A 205 25.29 35.18 -8.68
C GLU A 205 25.81 33.84 -9.26
N GLU A 206 24.90 32.95 -9.69
CA GLU A 206 25.27 31.65 -10.25
C GLU A 206 26.18 31.75 -11.50
N PRO A 207 27.23 30.93 -11.58
CA PRO A 207 28.15 31.02 -12.73
C PRO A 207 27.51 30.50 -14.02
N VAL A 208 26.93 29.29 -13.99
CA VAL A 208 26.28 28.75 -15.18
C VAL A 208 24.90 29.40 -15.33
N GLU A 209 24.55 29.84 -16.55
CA GLU A 209 23.26 30.49 -16.77
C GLU A 209 22.07 29.52 -16.71
N LYS A 210 22.29 28.26 -17.05
CA LYS A 210 21.24 27.24 -16.97
C LYS A 210 20.87 26.97 -15.48
N ALA A 211 21.87 27.01 -14.58
CA ALA A 211 21.66 26.84 -13.14
C ALA A 211 20.98 28.06 -12.51
N LYS A 212 21.27 29.27 -13.00
CA LYS A 212 20.65 30.49 -12.51
C LYS A 212 19.14 30.50 -12.83
N ASN A 213 18.79 30.01 -14.03
CA ASN A 213 17.41 29.96 -14.48
C ASN A 213 16.62 28.89 -13.78
N TYR A 214 17.23 27.73 -13.46
CA TYR A 214 16.53 26.66 -12.73
C TYR A 214 16.11 27.15 -11.35
N ARG A 215 17.00 27.87 -10.66
CA ARG A 215 16.72 28.43 -9.34
C ARG A 215 15.66 29.49 -9.39
N LEU A 216 15.66 30.37 -10.40
CA LEU A 216 14.61 31.38 -10.54
C LEU A 216 13.24 30.71 -10.84
N MET A 217 13.26 29.62 -11.62
CA MET A 217 12.05 28.87 -11.92
C MET A 217 11.54 28.20 -10.62
N ASP A 218 12.46 27.63 -9.84
CA ASP A 218 12.13 26.98 -8.58
C ASP A 218 11.56 27.95 -7.57
N ILE A 219 12.13 29.16 -7.47
CA ILE A 219 11.65 30.19 -6.55
C ILE A 219 10.20 30.60 -6.91
N GLU A 220 9.86 30.62 -8.21
CA GLU A 220 8.50 30.90 -8.64
C GLU A 220 7.54 29.78 -8.21
N LYS A 221 7.97 28.49 -8.30
CA LYS A 221 7.20 27.35 -7.82
C LYS A 221 6.90 27.51 -6.32
N ARG A 222 7.90 27.96 -5.53
CA ARG A 222 7.75 28.26 -4.10
C ARG A 222 6.71 29.34 -3.85
N ARG A 223 6.75 30.43 -4.63
CA ARG A 223 5.78 31.52 -4.50
C ARG A 223 4.35 31.04 -4.74
N GLU A 224 4.17 30.14 -5.71
CA GLU A 224 2.85 29.56 -6.01
C GLU A 224 2.40 28.65 -4.84
N VAL A 225 3.35 27.94 -4.19
CA VAL A 225 3.05 27.12 -3.01
C VAL A 225 2.55 28.02 -1.88
N TYR A 226 3.25 29.13 -1.63
CA TYR A 226 2.87 30.05 -0.57
C TYR A 226 1.59 30.82 -0.87
N ARG A 227 1.25 31.05 -2.15
CA ARG A 227 -0.02 31.68 -2.49
C ARG A 227 -1.18 30.75 -2.09
N SER A 228 -1.00 29.42 -2.23
CA SER A 228 -2.03 28.43 -1.87
C SER A 228 -2.38 28.42 -0.38
N ILE A 229 -1.53 29.01 0.47
CA ILE A 229 -1.80 29.08 1.90
C ILE A 229 -2.00 30.52 2.40
N PHE A 230 -1.33 31.50 1.77
CA PHE A 230 -1.46 32.90 2.20
C PHE A 230 -2.69 33.59 1.57
N ASP A 231 -3.30 33.01 0.53
CA ASP A 231 -4.51 33.54 -0.08
C ASP A 231 -5.65 32.61 0.33
N PRO A 232 -6.46 33.04 1.33
CA PRO A 232 -7.58 32.21 1.78
C PRO A 232 -8.51 31.69 0.71
N ALA A 233 -8.66 32.41 -0.41
CA ALA A 233 -9.53 31.99 -1.49
C ALA A 233 -8.95 30.79 -2.24
N VAL A 234 -7.62 30.74 -2.39
CA VAL A 234 -6.96 29.60 -3.04
C VAL A 234 -7.09 28.36 -2.13
N HIS A 235 -6.99 28.55 -0.80
CA HIS A 235 -7.19 27.44 0.13
C HIS A 235 -8.64 26.94 0.05
N ASP A 236 -9.62 27.86 0.02
CA ASP A 236 -11.04 27.52 -0.04
C ASP A 236 -11.41 26.77 -1.30
N ALA A 237 -10.77 27.08 -2.42
CA ALA A 237 -11.03 26.38 -3.68
C ALA A 237 -10.51 24.95 -3.61
N LEU A 238 -9.32 24.76 -3.00
CA LEU A 238 -8.70 23.45 -2.80
C LEU A 238 -9.59 22.60 -1.88
N VAL A 239 -10.19 23.22 -0.85
CA VAL A 239 -11.10 22.53 0.06
C VAL A 239 -12.36 22.05 -0.70
N ARG A 240 -12.90 22.90 -1.59
CA ARG A 240 -14.07 22.60 -2.41
C ARG A 240 -13.84 21.43 -3.36
N ARG A 241 -12.65 21.33 -3.99
CA ARG A 241 -12.38 20.22 -4.90
C ARG A 241 -11.85 18.95 -4.22
N GLY A 242 -11.88 18.90 -2.88
CA GLY A 242 -11.47 17.74 -2.12
C GLY A 242 -9.98 17.59 -1.89
N ASP A 243 -9.17 18.55 -2.39
CA ASP A 243 -7.72 18.49 -2.21
C ASP A 243 -7.29 18.74 -0.76
N ARG A 244 -8.09 19.52 -0.01
CA ARG A 244 -7.90 19.85 1.39
C ARG A 244 -9.23 19.65 2.15
N ARG A 245 -9.15 19.39 3.46
CA ARG A 245 -10.31 19.18 4.34
C ARG A 245 -10.36 20.19 5.49
N PHE A 246 -9.20 20.69 5.90
CA PHE A 246 -9.03 21.59 7.02
C PHE A 246 -9.50 22.98 6.74
N SER A 247 -9.98 23.66 7.80
CA SER A 247 -10.31 25.06 7.72
C SER A 247 -8.98 25.81 7.59
N HIS A 248 -9.00 27.01 7.02
CA HIS A 248 -7.79 27.81 6.85
C HIS A 248 -7.03 28.03 8.16
N ARG A 249 -7.77 28.24 9.26
CA ARG A 249 -7.15 28.47 10.56
C ARG A 249 -6.60 27.16 11.18
N ALA A 250 -7.30 26.02 10.97
CA ALA A 250 -6.79 24.71 11.46
C ALA A 250 -5.45 24.39 10.74
N LEU A 251 -5.38 24.68 9.42
CA LEU A 251 -4.19 24.47 8.64
C LEU A 251 -3.01 25.32 9.16
N GLN A 252 -3.28 26.59 9.55
CA GLN A 252 -2.27 27.49 10.09
C GLN A 252 -1.68 26.91 11.38
N GLY A 253 -2.54 26.39 12.24
CA GLY A 253 -2.12 25.79 13.50
C GLY A 253 -1.28 24.53 13.29
N ALA A 254 -1.70 23.68 12.34
CA ALA A 254 -0.96 22.45 12.04
C ALA A 254 0.43 22.78 11.50
N ILE A 255 0.54 23.83 10.66
CA ILE A 255 1.82 24.28 10.12
C ILE A 255 2.74 24.79 11.22
N MET A 256 2.19 25.59 12.12
CA MET A 256 2.95 26.14 13.25
C MET A 256 3.46 25.01 14.14
N ILE A 257 2.62 23.99 14.39
CA ILE A 257 3.04 22.85 15.21
C ILE A 257 4.25 22.14 14.60
N THR A 258 4.26 21.91 13.27
CA THR A 258 5.38 21.25 12.59
C THR A 258 6.68 22.07 12.60
N PHE A 259 6.55 23.39 12.60
CA PHE A 259 7.70 24.29 12.61
C PHE A 259 8.41 24.26 13.98
N TYR A 260 7.64 24.16 15.06
CA TYR A 260 8.22 24.20 16.40
C TYR A 260 8.23 22.86 17.14
N ARG A 261 8.07 21.74 16.42
CA ARG A 261 8.01 20.40 17.01
C ARG A 261 9.18 20.05 17.96
N ASP A 262 10.38 20.59 17.74
CA ASP A 262 11.53 20.34 18.62
C ASP A 262 11.43 21.06 19.97
N GLU A 263 10.51 22.03 20.11
CA GLU A 263 10.31 22.80 21.33
C GLU A 263 9.43 22.02 22.27
N PRO A 264 9.84 21.95 23.55
CA PRO A 264 9.04 21.20 24.54
C PRO A 264 7.53 21.43 24.52
N ARG A 265 7.07 22.68 24.32
CA ARG A 265 5.64 23.02 24.30
C ARG A 265 4.90 22.51 23.07
N PHE A 266 5.61 22.28 21.98
CA PHE A 266 4.99 21.81 20.75
C PHE A 266 5.24 20.33 20.44
N SER A 267 6.05 19.62 21.26
CA SER A 267 6.38 18.21 20.94
C SER A 267 5.21 17.22 21.06
N GLN A 268 4.41 17.29 22.14
CA GLN A 268 3.26 16.39 22.27
C GLN A 268 2.15 16.73 21.27
N PRO A 269 1.77 18.01 21.04
CA PRO A 269 0.79 18.31 19.97
C PRO A 269 1.26 17.79 18.59
N HIS A 270 2.59 17.81 18.33
CA HIS A 270 3.09 17.28 17.05
C HIS A 270 2.99 15.74 16.99
N GLN A 271 3.23 15.08 18.13
CA GLN A 271 3.09 13.63 18.25
C GLN A 271 1.62 13.22 18.04
N LEU A 272 0.67 14.05 18.55
CA LEU A 272 -0.77 13.83 18.37
C LEU A 272 -1.08 13.84 16.86
N LEU A 273 -0.58 14.85 16.12
CA LEU A 273 -0.76 14.94 14.67
C LEU A 273 -0.12 13.75 13.91
N THR A 274 1.11 13.36 14.29
CA THR A 274 1.83 12.22 13.71
C THR A 274 1.05 10.92 13.83
N LEU A 275 0.45 10.69 15.02
CA LEU A 275 -0.33 9.49 15.29
C LEU A 275 -1.64 9.46 14.52
N LEU A 276 -2.25 10.61 14.26
CA LEU A 276 -3.47 10.73 13.42
C LEU A 276 -3.12 10.30 11.98
N MET A 277 -1.95 10.73 11.49
CA MET A 277 -1.46 10.36 10.16
C MET A 277 -1.16 8.87 10.12
N ASP A 278 -0.50 8.32 11.18
CA ASP A 278 -0.19 6.89 11.26
C ASP A 278 -1.47 6.04 11.25
N ILE A 279 -2.52 6.50 11.92
CA ILE A 279 -3.79 5.79 11.98
C ILE A 279 -4.45 5.77 10.61
N ASP A 280 -4.42 6.93 9.94
CA ASP A 280 -4.96 7.12 8.59
C ASP A 280 -4.23 6.17 7.61
N SER A 281 -2.90 6.15 7.67
N SER A 281 -2.90 6.14 7.66
CA SER A 281 -2.08 5.32 6.80
CA SER A 281 -2.10 5.29 6.77
C SER A 281 -2.25 3.83 7.10
C SER A 281 -2.30 3.81 7.08
N LEU A 282 -2.45 3.47 8.37
CA LEU A 282 -2.66 2.07 8.75
C LEU A 282 -4.01 1.57 8.29
N ILE A 283 -5.04 2.44 8.27
CA ILE A 283 -6.36 2.06 7.77
C ILE A 283 -6.27 1.80 6.25
N THR A 284 -5.51 2.63 5.54
CA THR A 284 -5.29 2.45 4.11
C THR A 284 -4.52 1.16 3.87
N LYS A 285 -3.51 0.87 4.70
CA LYS A 285 -2.72 -0.37 4.59
C LYS A 285 -3.59 -1.57 4.84
N TRP A 286 -4.58 -1.48 5.76
CA TRP A 286 -5.51 -2.60 5.98
C TRP A 286 -6.38 -2.74 4.71
N ARG A 287 -6.85 -1.62 4.15
CA ARG A 287 -7.67 -1.63 2.92
C ARG A 287 -6.92 -2.33 1.77
N TYR A 288 -5.64 -2.00 1.59
CA TYR A 288 -4.83 -2.58 0.53
C TYR A 288 -4.64 -4.08 0.76
N ASN A 289 -4.25 -4.48 1.99
CA ASN A 289 -4.07 -5.90 2.30
C ASN A 289 -5.36 -6.69 2.18
N HIS A 290 -6.50 -6.08 2.52
CA HIS A 290 -7.79 -6.72 2.39
C HIS A 290 -8.12 -6.97 0.90
N VAL A 291 -7.92 -5.97 -0.01
CA VAL A 291 -8.19 -6.14 -1.45
C VAL A 291 -7.28 -7.22 -2.04
N ILE A 292 -6.02 -7.29 -1.62
CA ILE A 292 -5.09 -8.31 -2.12
C ILE A 292 -5.61 -9.71 -1.71
N MET A 293 -6.11 -9.83 -0.47
CA MET A 293 -6.64 -11.11 0.03
C MET A 293 -7.91 -11.49 -0.73
N VAL A 294 -8.83 -10.52 -0.95
CA VAL A 294 -10.06 -10.72 -1.70
C VAL A 294 -9.71 -11.23 -3.11
N GLN A 295 -8.74 -10.58 -3.76
CA GLN A 295 -8.31 -10.99 -5.08
C GLN A 295 -7.65 -12.36 -5.12
N ARG A 296 -6.86 -12.72 -4.10
CA ARG A 296 -6.26 -14.04 -4.09
C ARG A 296 -7.31 -15.13 -3.72
N MET A 297 -8.40 -14.80 -3.03
CA MET A 297 -9.42 -15.79 -2.70
C MET A 297 -10.43 -16.02 -3.80
N ILE A 298 -11.00 -14.93 -4.35
CA ILE A 298 -12.08 -14.99 -5.33
C ILE A 298 -11.84 -14.18 -6.60
N GLY A 299 -10.60 -13.77 -6.86
CA GLY A 299 -10.24 -12.97 -8.02
C GLY A 299 -10.95 -11.63 -8.11
N SER A 300 -10.92 -11.01 -9.30
CA SER A 300 -11.67 -9.76 -9.53
C SER A 300 -13.20 -10.03 -9.64
N GLN A 301 -13.58 -11.28 -9.98
CA GLN A 301 -14.97 -11.72 -10.07
C GLN A 301 -15.10 -13.24 -9.99
N GLN A 302 -16.17 -13.71 -9.37
CA GLN A 302 -16.40 -15.14 -9.19
C GLN A 302 -17.91 -15.45 -9.17
N LEU A 303 -18.27 -16.75 -9.18
CA LEU A 303 -19.66 -17.19 -9.09
C LEU A 303 -20.25 -16.70 -7.77
N GLY A 304 -21.27 -15.88 -7.87
CA GLY A 304 -21.91 -15.29 -6.70
C GLY A 304 -21.68 -13.80 -6.58
N THR A 305 -20.69 -13.25 -7.29
CA THR A 305 -20.37 -11.83 -7.20
C THR A 305 -21.09 -10.96 -8.24
N GLY A 306 -21.68 -11.57 -9.27
CA GLY A 306 -22.37 -10.83 -10.32
C GLY A 306 -21.49 -9.81 -11.03
N GLY A 307 -20.27 -10.22 -11.34
CA GLY A 307 -19.33 -9.32 -11.99
C GLY A 307 -18.26 -8.78 -11.04
N SER A 308 -17.54 -7.75 -11.47
CA SER A 308 -16.42 -7.20 -10.70
C SER A 308 -16.70 -5.93 -9.89
N SER A 309 -17.96 -5.55 -9.73
CA SER A 309 -18.31 -4.33 -8.98
C SER A 309 -17.80 -4.29 -7.52
N GLY A 310 -17.83 -5.43 -6.82
CA GLY A 310 -17.37 -5.53 -5.44
C GLY A 310 -15.89 -5.23 -5.34
N TYR A 311 -15.10 -5.91 -6.18
CA TYR A 311 -13.66 -5.74 -6.26
C TYR A 311 -13.31 -4.30 -6.65
N GLN A 312 -14.00 -3.76 -7.65
CA GLN A 312 -13.75 -2.40 -8.11
C GLN A 312 -14.11 -1.36 -7.06
N TYR A 313 -15.16 -1.62 -6.26
CA TYR A 313 -15.50 -0.72 -5.14
C TYR A 313 -14.33 -0.74 -4.13
N LEU A 314 -13.84 -1.94 -3.78
CA LEU A 314 -12.74 -2.06 -2.82
C LEU A 314 -11.48 -1.34 -3.32
N ARG A 315 -11.18 -1.43 -4.63
CA ARG A 315 -10.01 -0.72 -5.19
C ARG A 315 -10.19 0.82 -5.11
N SER A 316 -11.43 1.32 -5.23
CA SER A 316 -11.68 2.75 -5.17
C SER A 316 -11.56 3.32 -3.73
N THR A 317 -11.68 2.44 -2.69
CA THR A 317 -11.49 2.89 -1.31
C THR A 317 -10.01 3.18 -1.00
N LEU A 318 -9.06 2.79 -1.88
CA LEU A 318 -7.65 3.07 -1.72
C LEU A 318 -7.27 4.53 -2.12
N SER A 319 -8.22 5.31 -2.62
CA SER A 319 -7.95 6.68 -3.05
C SER A 319 -7.91 7.66 -1.88
N ASP A 320 -7.33 8.85 -2.12
CA ASP A 320 -7.25 9.91 -1.12
C ASP A 320 -8.63 10.41 -0.67
N ARG A 321 -9.73 9.99 -1.34
CA ARG A 321 -11.11 10.31 -0.96
C ARG A 321 -11.45 9.75 0.41
N TYR A 322 -10.85 8.60 0.79
CA TYR A 322 -11.08 7.95 2.08
C TYR A 322 -10.04 8.32 3.16
N LYS A 323 -9.02 9.12 2.81
CA LYS A 323 -7.99 9.60 3.73
C LYS A 323 -8.63 10.75 4.50
N VAL A 324 -8.63 10.70 5.82
CA VAL A 324 -9.29 11.68 6.65
C VAL A 324 -8.41 12.91 6.89
N PHE A 325 -7.16 12.71 7.32
CA PHE A 325 -6.25 13.79 7.64
C PHE A 325 -5.29 14.05 6.50
N LEU A 326 -5.84 14.13 5.30
CA LEU A 326 -5.10 14.35 4.06
C LEU A 326 -4.14 15.56 4.14
N ASP A 327 -4.60 16.68 4.75
CA ASP A 327 -3.83 17.90 4.92
C ASP A 327 -2.53 17.70 5.67
N LEU A 328 -2.54 16.85 6.73
CA LEU A 328 -1.34 16.59 7.52
C LEU A 328 -0.19 16.02 6.74
N PHE A 329 -0.45 15.15 5.78
CA PHE A 329 0.60 14.52 4.98
C PHE A 329 1.38 15.50 4.12
N ASN A 330 0.79 16.64 3.74
CA ASN A 330 1.46 17.59 2.86
C ASN A 330 2.10 18.79 3.57
N LEU A 331 2.08 18.86 4.91
CA LEU A 331 2.60 20.02 5.63
C LEU A 331 4.08 20.40 5.37
N SER A 332 4.97 19.43 5.07
CA SER A 332 6.37 19.74 4.81
C SER A 332 6.61 20.53 3.52
N THR A 333 5.59 20.65 2.66
CA THR A 333 5.65 21.46 1.44
C THR A 333 5.84 22.96 1.79
N PHE A 334 5.39 23.40 2.98
CA PHE A 334 5.40 24.81 3.41
C PHE A 334 6.57 25.23 4.30
N LEU A 335 7.45 24.29 4.63
CA LEU A 335 8.58 24.47 5.52
C LEU A 335 9.68 25.37 4.92
N ILE A 336 10.31 26.17 5.77
CA ILE A 336 11.46 27.01 5.48
C ILE A 336 12.57 26.61 6.49
N PRO A 337 13.85 26.84 6.19
CA PRO A 337 14.91 26.42 7.11
C PRO A 337 14.79 27.02 8.52
N ARG A 338 15.48 26.39 9.48
CA ARG A 338 15.45 26.81 10.88
C ARG A 338 15.81 28.28 11.06
N GLU A 339 16.88 28.75 10.39
CA GLU A 339 17.35 30.14 10.44
C GLU A 339 16.27 31.13 10.00
N ALA A 340 15.37 30.72 9.09
CA ALA A 340 14.31 31.60 8.61
C ALA A 340 13.01 31.51 9.42
N ILE A 341 12.87 30.50 10.29
CA ILE A 341 11.64 30.35 11.08
C ILE A 341 11.56 31.44 12.16
N PRO A 342 10.42 32.14 12.27
CA PRO A 342 10.29 33.20 13.28
C PRO A 342 10.58 32.72 14.71
N PRO A 343 11.56 33.35 15.38
CA PRO A 343 11.92 32.88 16.73
C PRO A 343 10.81 32.99 17.77
N LEU A 344 10.61 31.93 18.58
CA LEU A 344 9.59 31.89 19.62
C LEU A 344 9.84 32.91 20.75
N LYS B 3 43.15 -13.97 8.43
CA LYS B 3 41.74 -14.25 8.11
C LYS B 3 40.86 -14.08 9.35
N ILE B 4 41.08 -13.00 10.09
CA ILE B 4 40.27 -12.70 11.26
C ILE B 4 38.94 -12.01 10.86
N TYR B 5 38.00 -11.84 11.80
CA TYR B 5 36.66 -11.27 11.55
C TYR B 5 36.67 -10.00 10.68
N GLY B 6 37.36 -8.96 11.14
CA GLY B 6 37.45 -7.68 10.43
C GLY B 6 38.05 -7.79 9.05
N GLU B 7 39.04 -8.67 8.88
CA GLU B 7 39.70 -8.85 7.59
C GLU B 7 38.81 -9.64 6.62
N TYR B 8 38.16 -10.68 7.10
CA TYR B 8 37.25 -11.52 6.31
C TYR B 8 36.08 -10.67 5.79
N LEU B 9 35.56 -9.76 6.63
CA LEU B 9 34.43 -8.90 6.25
C LEU B 9 34.86 -7.58 5.62
N MET B 10 36.18 -7.33 5.50
CA MET B 10 36.79 -6.13 4.95
C MET B 10 36.20 -4.87 5.55
N LEU B 11 36.11 -4.84 6.89
CA LEU B 11 35.60 -3.69 7.63
C LEU B 11 36.48 -2.46 7.49
N ASP B 12 37.76 -2.63 7.07
CA ASP B 12 38.70 -1.54 6.80
C ASP B 12 38.09 -0.67 5.68
N LYS B 13 37.58 -1.33 4.63
CA LYS B 13 36.95 -0.77 3.46
C LYS B 13 35.48 -0.40 3.78
N LEU B 14 34.66 -1.36 4.29
CA LEU B 14 33.24 -1.16 4.60
C LEU B 14 32.96 -0.02 5.56
N LEU B 15 33.76 0.11 6.63
CA LEU B 15 33.60 1.12 7.65
C LEU B 15 34.42 2.38 7.45
N ASP B 16 34.97 2.57 6.25
CA ASP B 16 35.62 3.83 5.86
C ASP B 16 34.88 4.41 4.60
N ALA B 17 33.60 4.04 4.40
CA ALA B 17 32.80 4.51 3.30
C ALA B 17 31.74 5.53 3.75
N GLN B 18 31.87 6.12 4.95
CA GLN B 18 30.88 7.06 5.45
C GLN B 18 31.46 8.46 5.49
N CYS B 19 31.03 9.30 4.54
CA CYS B 19 31.55 10.66 4.45
C CYS B 19 30.41 11.69 4.48
N MET B 20 30.19 12.33 5.63
CA MET B 20 29.17 13.35 5.77
C MET B 20 29.61 14.64 5.11
N LEU B 21 28.87 15.06 4.06
CA LEU B 21 29.16 16.31 3.35
C LEU B 21 28.92 17.53 4.20
N SER B 22 27.94 17.49 5.11
CA SER B 22 27.72 18.61 6.04
C SER B 22 28.92 18.75 7.00
N GLU B 23 29.58 17.64 7.36
CA GLU B 23 30.76 17.68 8.21
C GLU B 23 31.94 18.28 7.43
N GLU B 24 32.08 17.91 6.14
CA GLU B 24 33.10 18.46 5.25
C GLU B 24 32.96 19.99 5.08
N ASP B 25 31.73 20.49 5.11
CA ASP B 25 31.47 21.92 5.00
C ASP B 25 31.46 22.64 6.37
N LYS B 26 32.04 22.00 7.41
CA LYS B 26 32.20 22.55 8.75
C LYS B 26 30.90 22.92 9.43
N ARG B 27 29.81 22.22 9.08
CA ARG B 27 28.50 22.43 9.72
C ARG B 27 27.81 21.08 9.82
N PRO B 28 28.37 20.15 10.60
CA PRO B 28 27.81 18.79 10.64
C PRO B 28 26.39 18.68 11.16
N VAL B 29 25.59 17.83 10.50
CA VAL B 29 24.22 17.52 10.90
C VAL B 29 24.24 16.06 11.31
N HIS B 30 24.03 15.80 12.60
CA HIS B 30 24.03 14.46 13.19
C HIS B 30 23.25 13.41 12.35
N ASP B 31 22.05 13.74 11.87
CA ASP B 31 21.24 12.76 11.15
C ASP B 31 21.73 12.41 9.75
N GLU B 32 22.73 13.13 9.20
CA GLU B 32 23.28 12.77 7.91
C GLU B 32 23.96 11.39 7.98
N HIS B 33 24.53 11.05 9.13
CA HIS B 33 25.14 9.76 9.34
C HIS B 33 24.08 8.63 9.19
N LEU B 34 22.88 8.82 9.78
CA LEU B 34 21.79 7.86 9.65
C LEU B 34 21.36 7.77 8.18
N PHE B 35 21.26 8.93 7.50
CA PHE B 35 20.90 8.98 6.08
C PHE B 35 21.87 8.13 5.22
N ILE B 36 23.18 8.25 5.47
CA ILE B 36 24.18 7.46 4.73
C ILE B 36 24.10 5.97 5.09
N ILE B 37 24.11 5.65 6.40
CA ILE B 37 24.07 4.24 6.85
C ILE B 37 22.83 3.49 6.34
N THR B 38 21.64 4.13 6.39
CA THR B 38 20.41 3.51 5.94
C THR B 38 20.50 3.13 4.46
N HIS B 39 20.99 4.07 3.62
CA HIS B 39 21.16 3.82 2.19
C HIS B 39 22.19 2.73 1.95
N GLN B 40 23.30 2.74 2.69
CA GLN B 40 24.34 1.69 2.54
C GLN B 40 23.82 0.31 2.94
N ALA B 41 22.95 0.22 3.94
CA ALA B 41 22.31 -1.05 4.34
C ALA B 41 21.36 -1.52 3.23
N TYR B 42 20.59 -0.59 2.61
CA TYR B 42 19.74 -0.91 1.45
C TYR B 42 20.63 -1.47 0.30
N GLU B 43 21.72 -0.79 -0.04
CA GLU B 43 22.59 -1.21 -1.13
C GLU B 43 23.27 -2.56 -0.87
N LEU B 44 23.62 -2.88 0.40
CA LEU B 44 24.17 -4.22 0.70
C LEU B 44 23.11 -5.29 0.40
N TRP B 45 21.87 -5.06 0.84
CA TRP B 45 20.79 -6.01 0.62
C TRP B 45 20.35 -6.09 -0.84
N PHE B 46 20.44 -4.98 -1.60
CA PHE B 46 20.16 -4.95 -3.04
C PHE B 46 21.18 -5.89 -3.73
N LYS B 47 22.47 -5.83 -3.31
CA LYS B 47 23.51 -6.71 -3.85
C LYS B 47 23.17 -8.19 -3.56
N GLN B 48 22.61 -8.48 -2.38
CA GLN B 48 22.20 -9.85 -2.05
C GLN B 48 21.01 -10.30 -2.91
N ILE B 49 20.00 -9.44 -3.08
CA ILE B 49 18.83 -9.73 -3.92
C ILE B 49 19.29 -9.97 -5.37
N ILE B 50 20.22 -9.16 -5.88
CA ILE B 50 20.74 -9.35 -7.24
C ILE B 50 21.45 -10.69 -7.36
N PHE B 51 22.26 -11.02 -6.36
CA PHE B 51 22.96 -12.30 -6.30
C PHE B 51 21.99 -13.49 -6.32
N GLU B 52 20.90 -13.42 -5.51
CA GLU B 52 19.92 -14.49 -5.47
C GLU B 52 19.17 -14.58 -6.80
N PHE B 53 18.76 -13.42 -7.35
CA PHE B 53 18.04 -13.35 -8.62
C PHE B 53 18.85 -13.96 -9.76
N ASP B 54 20.13 -13.58 -9.91
CA ASP B 54 21.00 -14.12 -10.96
C ASP B 54 21.16 -15.63 -10.87
N SER B 55 21.29 -16.17 -9.64
CA SER B 55 21.40 -17.61 -9.42
C SER B 55 20.10 -18.33 -9.77
N ILE B 56 18.94 -17.70 -9.50
CA ILE B 56 17.63 -18.27 -9.81
C ILE B 56 17.41 -18.23 -11.34
N ARG B 57 17.86 -17.17 -12.01
CA ARG B 57 17.76 -17.02 -13.45
C ARG B 57 18.58 -18.10 -14.15
N ASP B 58 19.78 -18.41 -13.63
CA ASP B 58 20.62 -19.48 -14.19
C ASP B 58 19.97 -20.85 -14.03
N MET B 59 19.34 -21.10 -12.87
CA MET B 59 18.65 -22.37 -12.66
C MET B 59 17.41 -22.51 -13.55
N LEU B 60 16.71 -21.40 -13.82
CA LEU B 60 15.52 -21.39 -14.67
C LEU B 60 15.87 -21.41 -16.18
N ASP B 61 17.09 -20.99 -16.55
CA ASP B 61 17.53 -20.99 -17.95
C ASP B 61 18.11 -22.35 -18.31
N ALA B 62 17.29 -23.38 -18.22
CA ALA B 62 17.68 -24.75 -18.52
C ALA B 62 16.45 -25.54 -18.98
N GLU B 63 16.66 -26.55 -19.84
CA GLU B 63 15.55 -27.38 -20.32
C GLU B 63 14.99 -28.24 -19.18
N VAL B 64 15.89 -28.78 -18.34
CA VAL B 64 15.50 -29.61 -17.21
C VAL B 64 15.46 -28.88 -15.85
N ILE B 65 14.24 -28.66 -15.31
CA ILE B 65 14.04 -28.06 -13.98
C ILE B 65 13.47 -29.15 -13.06
N ASP B 66 14.36 -29.90 -12.39
CA ASP B 66 13.95 -31.00 -11.52
C ASP B 66 13.38 -30.52 -10.15
N GLU B 67 12.85 -31.44 -9.34
CA GLU B 67 12.29 -31.12 -8.03
C GLU B 67 13.34 -30.62 -7.04
N THR B 68 14.60 -31.03 -7.20
CA THR B 68 15.69 -30.62 -6.32
C THR B 68 16.02 -29.14 -6.56
N LYS B 69 16.07 -28.73 -7.83
CA LYS B 69 16.35 -27.34 -8.20
C LYS B 69 15.16 -26.44 -7.87
N THR B 70 13.92 -26.96 -7.97
CA THR B 70 12.68 -26.23 -7.66
C THR B 70 12.66 -25.86 -6.18
N LEU B 71 13.06 -26.80 -5.29
CA LEU B 71 13.14 -26.58 -3.86
C LEU B 71 14.17 -25.49 -3.52
N GLU B 72 15.27 -25.46 -4.27
CA GLU B 72 16.33 -24.49 -4.07
C GLU B 72 15.90 -23.10 -4.54
N ILE B 73 15.10 -23.04 -5.60
CA ILE B 73 14.58 -21.78 -6.10
C ILE B 73 13.58 -21.23 -5.05
N VAL B 74 12.68 -22.08 -4.54
CA VAL B 74 11.69 -21.71 -3.52
C VAL B 74 12.41 -21.19 -2.24
N LYS B 75 13.51 -21.84 -1.85
CA LYS B 75 14.29 -21.37 -0.70
C LYS B 75 14.85 -19.98 -0.92
N ARG B 76 15.43 -19.71 -2.08
CA ARG B 76 16.04 -18.41 -2.36
C ARG B 76 15.02 -17.30 -2.63
N LEU B 77 13.85 -17.64 -3.19
CA LEU B 77 12.79 -16.66 -3.37
C LEU B 77 12.25 -16.27 -1.98
N ASN B 78 12.10 -17.25 -1.08
CA ASN B 78 11.63 -17.00 0.29
C ASN B 78 12.63 -16.10 1.04
N ARG B 79 13.93 -16.28 0.79
CA ARG B 79 14.99 -15.47 1.37
C ARG B 79 14.85 -14.03 0.89
N VAL B 80 14.56 -13.83 -0.41
CA VAL B 80 14.36 -12.50 -0.97
C VAL B 80 13.14 -11.84 -0.33
N VAL B 81 12.06 -12.60 -0.09
CA VAL B 81 10.85 -12.13 0.60
C VAL B 81 11.23 -11.59 2.01
N LEU B 82 12.04 -12.34 2.77
CA LEU B 82 12.47 -11.92 4.11
C LEU B 82 13.33 -10.67 4.03
N ILE B 83 14.23 -10.59 3.05
CA ILE B 83 15.09 -9.41 2.89
C ILE B 83 14.22 -8.19 2.54
N LEU B 84 13.22 -8.35 1.66
CA LEU B 84 12.32 -7.25 1.28
C LEU B 84 11.46 -6.78 2.46
N LYS B 85 11.02 -7.69 3.35
CA LYS B 85 10.25 -7.28 4.53
C LYS B 85 11.16 -6.44 5.48
N LEU B 86 12.44 -6.82 5.58
CA LEU B 86 13.42 -6.10 6.36
C LEU B 86 13.66 -4.70 5.78
N LEU B 87 13.74 -4.60 4.45
CA LEU B 87 13.94 -3.32 3.77
C LEU B 87 12.76 -2.38 3.91
N VAL B 88 11.54 -2.95 3.97
CA VAL B 88 10.34 -2.17 4.22
C VAL B 88 10.43 -1.59 5.65
N ASP B 89 10.95 -2.37 6.63
CA ASP B 89 11.13 -1.93 8.02
C ASP B 89 12.25 -0.91 8.25
N GLN B 90 13.12 -0.70 7.26
CA GLN B 90 14.17 0.32 7.35
C GLN B 90 13.60 1.71 7.13
N VAL B 91 12.39 1.84 6.56
CA VAL B 91 11.79 3.16 6.32
C VAL B 91 11.47 3.85 7.66
N PRO B 92 10.76 3.23 8.63
CA PRO B 92 10.50 3.92 9.90
C PRO B 92 11.76 4.39 10.64
N ILE B 93 12.90 3.75 10.41
CA ILE B 93 14.16 4.14 11.06
C ILE B 93 14.57 5.52 10.51
N LEU B 94 14.59 5.67 9.17
CA LEU B 94 14.96 6.96 8.56
C LEU B 94 13.92 8.07 8.87
N GLU B 95 12.64 7.70 9.04
CA GLU B 95 11.55 8.60 9.43
C GLU B 95 11.74 9.25 10.80
N THR B 96 12.66 8.75 11.63
CA THR B 96 13.01 9.36 12.93
C THR B 96 13.83 10.68 12.74
N MET B 97 14.30 10.95 11.51
CA MET B 97 14.99 12.18 11.15
C MET B 97 13.91 13.20 10.86
N THR B 98 14.00 14.38 11.47
CA THR B 98 12.99 15.42 11.23
C THR B 98 13.21 16.15 9.91
N PRO B 99 12.13 16.66 9.32
CA PRO B 99 12.27 17.44 8.06
C PRO B 99 13.27 18.61 8.17
N LEU B 100 13.34 19.31 9.32
CA LEU B 100 14.25 20.43 9.52
C LEU B 100 15.70 20.03 9.56
N ASP B 101 16.00 18.82 10.09
CA ASP B 101 17.38 18.35 10.11
C ASP B 101 17.82 17.93 8.72
N PHE B 102 16.93 17.25 7.98
CA PHE B 102 17.20 16.86 6.60
C PHE B 102 17.41 18.11 5.73
N MET B 103 16.69 19.21 6.01
CA MET B 103 16.84 20.50 5.30
C MET B 103 18.25 21.06 5.46
N ASP B 104 18.90 20.83 6.63
CA ASP B 104 20.25 21.35 6.87
C ASP B 104 21.35 20.60 6.13
N PHE B 105 21.07 19.45 5.48
CA PHE B 105 22.11 18.78 4.68
C PHE B 105 21.65 18.38 3.27
N ARG B 106 20.34 18.46 2.97
CA ARG B 106 19.85 18.03 1.65
C ARG B 106 20.45 18.84 0.50
N LYS B 107 20.86 20.10 0.75
CA LYS B 107 21.46 20.95 -0.28
C LYS B 107 22.79 20.41 -0.79
N TYR B 108 23.51 19.62 0.02
CA TYR B 108 24.77 19.01 -0.41
C TYR B 108 24.56 17.81 -1.33
N LEU B 109 23.36 17.21 -1.30
CA LEU B 109 23.03 16.04 -2.10
C LEU B 109 23.10 16.42 -3.56
N ALA B 110 22.57 17.61 -3.92
CA ALA B 110 22.63 18.33 -5.20
C ALA B 110 22.60 17.46 -6.44
N PRO B 111 23.74 16.94 -7.01
CA PRO B 111 23.58 16.09 -8.23
C PRO B 111 23.08 14.68 -7.93
N ALA B 112 23.16 14.21 -6.67
CA ALA B 112 22.72 12.87 -6.30
C ALA B 112 21.23 12.74 -6.42
N SER B 113 20.78 11.57 -6.86
CA SER B 113 19.37 11.30 -6.99
C SER B 113 19.12 9.82 -6.72
N GLY B 114 17.94 9.51 -6.19
CA GLY B 114 17.51 8.12 -5.99
C GLY B 114 17.44 7.36 -7.30
N PHE B 115 17.24 8.11 -8.43
CA PHE B 115 17.21 7.57 -9.80
C PHE B 115 18.60 6.96 -10.17
N GLN B 116 19.70 7.44 -9.53
CA GLN B 116 21.05 6.96 -9.78
C GLN B 116 21.44 5.67 -9.04
N SER B 117 20.46 4.95 -8.43
CA SER B 117 20.79 3.68 -7.80
C SER B 117 20.73 2.64 -8.90
N LEU B 118 21.90 2.22 -9.38
CA LEU B 118 22.00 1.21 -10.42
C LEU B 118 21.40 -0.11 -9.95
N GLN B 119 21.70 -0.51 -8.70
CA GLN B 119 21.20 -1.77 -8.15
C GLN B 119 19.69 -1.83 -8.07
N PHE B 120 19.02 -0.71 -7.74
CA PHE B 120 17.55 -0.73 -7.69
C PHE B 120 16.98 -0.99 -9.10
N ARG B 121 17.55 -0.36 -10.15
CA ARG B 121 17.13 -0.58 -11.53
C ARG B 121 17.39 -2.02 -11.94
N LEU B 122 18.57 -2.57 -11.59
CA LEU B 122 18.93 -3.96 -11.88
C LEU B 122 17.94 -4.93 -11.25
N ILE B 123 17.47 -4.68 -10.01
CA ILE B 123 16.47 -5.55 -9.38
C ILE B 123 15.16 -5.51 -10.16
N GLU B 124 14.68 -4.30 -10.51
CA GLU B 124 13.46 -4.10 -11.30
C GLU B 124 13.53 -4.85 -12.64
N ASN B 125 14.65 -4.67 -13.38
CA ASN B 125 14.80 -5.29 -14.69
C ASN B 125 14.97 -6.80 -14.60
N LYS B 126 15.79 -7.29 -13.66
CA LYS B 126 15.98 -8.72 -13.49
C LYS B 126 14.69 -9.40 -13.05
N LEU B 127 13.82 -8.72 -12.29
CA LEU B 127 12.53 -9.29 -11.92
C LEU B 127 11.64 -9.31 -13.18
N GLY B 128 11.62 -8.21 -13.93
CA GLY B 128 10.89 -8.15 -15.18
C GLY B 128 10.14 -6.89 -15.54
N VAL B 129 10.48 -5.74 -14.93
CA VAL B 129 9.79 -4.48 -15.24
C VAL B 129 10.15 -4.08 -16.69
N LEU B 130 9.13 -3.97 -17.55
CA LEU B 130 9.38 -3.60 -18.95
C LEU B 130 9.65 -2.10 -19.08
N THR B 131 10.65 -1.72 -19.87
CA THR B 131 11.00 -0.32 -20.08
C THR B 131 9.82 0.52 -20.65
N GLU B 132 9.02 -0.09 -21.55
CA GLU B 132 7.87 0.53 -22.19
C GLU B 132 6.74 0.80 -21.18
N GLN B 133 6.64 -0.01 -20.11
CA GLN B 133 5.61 0.19 -19.10
C GLN B 133 5.96 1.23 -18.03
N ARG B 134 7.18 1.79 -18.05
CA ARG B 134 7.58 2.79 -17.08
C ARG B 134 6.95 4.14 -17.35
N VAL B 135 6.60 4.88 -16.29
CA VAL B 135 6.06 6.22 -16.43
C VAL B 135 7.23 7.18 -16.63
N ARG B 136 7.20 7.96 -17.70
CA ARG B 136 8.27 8.88 -18.02
C ARG B 136 7.73 10.29 -18.22
N TYR B 137 8.32 11.29 -17.57
CA TYR B 137 7.89 12.67 -17.74
C TYR B 137 8.84 13.42 -18.65
N ASN B 138 10.11 13.03 -18.70
CA ASN B 138 11.07 13.67 -19.56
C ASN B 138 12.12 12.69 -20.02
N GLN B 139 13.07 12.42 -19.13
CA GLN B 139 14.27 11.63 -19.24
C GLN B 139 14.00 10.16 -19.10
N LYS B 140 14.62 9.34 -19.95
CA LYS B 140 14.53 7.88 -19.85
C LYS B 140 15.27 7.46 -18.55
N TYR B 141 14.77 6.43 -17.84
CA TYR B 141 15.39 6.02 -16.58
C TYR B 141 16.91 5.71 -16.69
N SER B 142 17.34 5.13 -17.82
CA SER B 142 18.73 4.76 -18.07
C SER B 142 19.62 5.94 -18.41
N ASP B 143 19.05 7.08 -18.84
CA ASP B 143 19.78 8.31 -19.15
C ASP B 143 20.43 8.98 -17.94
N VAL B 144 19.92 8.68 -16.77
CA VAL B 144 20.40 9.17 -15.49
C VAL B 144 21.85 8.69 -15.22
N PHE B 145 22.26 7.56 -15.81
CA PHE B 145 23.60 6.99 -15.64
C PHE B 145 24.56 7.45 -16.75
N SER B 146 25.62 8.17 -16.35
CA SER B 146 26.67 8.69 -17.25
C SER B 146 27.84 7.69 -17.44
N ASP B 147 28.05 6.78 -16.48
CA ASP B 147 29.12 5.80 -16.49
C ASP B 147 28.84 4.71 -17.52
N GLU B 148 29.85 4.37 -18.34
CA GLU B 148 29.69 3.36 -19.39
C GLU B 148 29.38 1.96 -18.85
N GLU B 149 30.04 1.55 -17.76
CA GLU B 149 29.80 0.23 -17.18
C GLU B 149 28.39 0.16 -16.57
N ALA B 150 27.90 1.28 -15.99
CA ALA B 150 26.54 1.35 -15.44
C ALA B 150 25.51 1.18 -16.58
N ARG B 151 25.70 1.92 -17.71
CA ARG B 151 24.84 1.84 -18.91
C ARG B 151 24.86 0.42 -19.48
N ASN B 152 26.04 -0.20 -19.51
CA ASN B 152 26.20 -1.56 -20.03
C ASN B 152 25.44 -2.54 -19.15
N SER B 153 25.55 -2.40 -17.82
CA SER B 153 24.81 -3.24 -16.85
C SER B 153 23.30 -3.13 -17.04
N ILE B 154 22.77 -1.88 -17.15
CA ILE B 154 21.36 -1.64 -17.41
C ILE B 154 20.93 -2.29 -18.72
N ARG B 155 21.68 -2.05 -19.81
CA ARG B 155 21.39 -2.64 -21.12
C ARG B 155 21.33 -4.18 -21.04
N ASN B 156 22.30 -4.80 -20.35
CA ASN B 156 22.33 -6.25 -20.16
C ASN B 156 21.11 -6.74 -19.37
N SER B 157 20.73 -6.04 -18.29
CA SER B 157 19.55 -6.44 -17.50
C SER B 157 18.24 -6.35 -18.30
N GLU B 158 18.17 -5.44 -19.29
CA GLU B 158 16.99 -5.34 -20.15
C GLU B 158 16.96 -6.47 -21.19
N LYS B 159 18.09 -6.77 -21.85
CA LYS B 159 18.15 -7.76 -22.92
C LYS B 159 18.19 -9.20 -22.44
N ASP B 160 18.87 -9.47 -21.32
CA ASP B 160 18.93 -10.82 -20.78
C ASP B 160 17.55 -11.25 -20.30
N PRO B 161 17.19 -12.54 -20.40
CA PRO B 161 15.87 -12.96 -19.92
C PRO B 161 15.66 -12.65 -18.44
N SER B 162 14.57 -11.95 -18.14
CA SER B 162 14.18 -11.58 -16.78
C SER B 162 13.55 -12.82 -16.09
N LEU B 163 13.24 -12.70 -14.78
CA LEU B 163 12.55 -13.78 -14.06
C LEU B 163 11.14 -13.97 -14.69
N LEU B 164 10.50 -12.87 -15.14
CA LEU B 164 9.20 -12.92 -15.80
C LEU B 164 9.28 -13.81 -17.07
N GLU B 165 10.28 -13.58 -17.93
CA GLU B 165 10.44 -14.36 -19.16
C GLU B 165 10.75 -15.82 -18.85
N LEU B 166 11.70 -16.06 -17.95
CA LEU B 166 12.10 -17.42 -17.58
C LEU B 166 10.98 -18.22 -16.90
N VAL B 167 10.18 -17.58 -16.05
CA VAL B 167 9.07 -18.26 -15.38
C VAL B 167 8.01 -18.67 -16.40
N GLN B 168 7.79 -17.83 -17.42
CA GLN B 168 6.85 -18.12 -18.51
C GLN B 168 7.29 -19.36 -19.32
N ARG B 169 8.58 -19.47 -19.70
CA ARG B 169 9.10 -20.63 -20.43
C ARG B 169 8.88 -21.91 -19.62
N TRP B 170 9.14 -21.85 -18.30
CA TRP B 170 8.95 -22.95 -17.38
C TRP B 170 7.46 -23.32 -17.27
N LEU B 171 6.58 -22.34 -17.26
CA LEU B 171 5.13 -22.57 -17.18
C LEU B 171 4.57 -23.19 -18.46
N GLU B 172 5.15 -22.81 -19.61
CA GLU B 172 4.73 -23.32 -20.92
C GLU B 172 5.00 -24.84 -21.01
N ARG B 173 6.15 -25.29 -20.46
CA ARG B 173 6.56 -26.69 -20.42
C ARG B 173 5.97 -27.45 -19.24
N THR B 174 4.84 -26.99 -18.68
CA THR B 174 4.22 -27.67 -17.55
C THR B 174 3.69 -29.05 -17.96
N PRO B 175 4.19 -30.10 -17.29
CA PRO B 175 3.67 -31.45 -17.57
C PRO B 175 2.22 -31.52 -17.09
N GLY B 176 1.32 -31.85 -18.00
CA GLY B 176 -0.11 -31.90 -17.72
C GLY B 176 -0.89 -31.17 -18.79
N LEU B 177 -0.27 -30.14 -19.38
CA LEU B 177 -0.85 -29.37 -20.48
C LEU B 177 -0.74 -30.14 -21.82
N GLU B 178 0.22 -31.09 -21.93
CA GLU B 178 0.46 -31.90 -23.14
C GLU B 178 -0.83 -32.50 -23.69
N GLU B 179 -1.18 -32.15 -24.94
CA GLU B 179 -2.41 -32.65 -25.58
C GLU B 179 -2.41 -34.18 -25.73
N SER B 180 -1.21 -34.78 -25.87
CA SER B 180 -1.04 -36.24 -25.96
C SER B 180 -1.22 -36.90 -24.57
N GLY B 181 -0.83 -36.19 -23.52
CA GLY B 181 -0.90 -36.69 -22.15
C GLY B 181 -2.17 -36.36 -21.40
N PHE B 182 -2.03 -35.65 -20.26
CA PHE B 182 -3.18 -35.28 -19.42
C PHE B 182 -4.18 -34.36 -20.13
N ASN B 183 -3.68 -33.50 -21.04
CA ASN B 183 -4.52 -32.59 -21.83
C ASN B 183 -5.46 -31.76 -20.96
N PHE B 184 -4.89 -31.02 -19.99
CA PHE B 184 -5.66 -30.23 -19.03
C PHE B 184 -6.58 -29.17 -19.66
N TRP B 185 -6.05 -28.37 -20.59
CA TRP B 185 -6.84 -27.26 -21.15
C TRP B 185 -8.17 -27.68 -21.75
N ALA B 186 -8.19 -28.77 -22.54
CA ALA B 186 -9.42 -29.25 -23.15
C ALA B 186 -10.39 -29.78 -22.10
N LYS B 187 -9.89 -30.58 -21.13
CA LYS B 187 -10.73 -31.12 -20.05
C LYS B 187 -11.37 -30.00 -19.23
N PHE B 188 -10.59 -28.94 -18.96
CA PHE B 188 -11.01 -27.75 -18.23
C PHE B 188 -12.19 -27.08 -18.95
N GLN B 189 -12.09 -26.90 -20.29
CA GLN B 189 -13.18 -26.30 -21.08
C GLN B 189 -14.47 -27.12 -20.99
N GLU B 190 -14.35 -28.46 -21.04
CA GLU B 190 -15.51 -29.36 -20.94
C GLU B 190 -16.13 -29.25 -19.55
N SER B 191 -15.27 -29.22 -18.50
CA SER B 191 -15.71 -29.08 -17.11
C SER B 191 -16.45 -27.78 -16.88
N VAL B 192 -15.98 -26.70 -17.51
CA VAL B 192 -16.64 -25.40 -17.41
C VAL B 192 -18.03 -25.47 -18.05
N ASP B 193 -18.15 -26.10 -19.23
CA ASP B 193 -19.45 -26.25 -19.90
C ASP B 193 -20.40 -27.07 -19.04
N ARG B 194 -19.96 -28.24 -18.56
CA ARG B 194 -20.78 -29.09 -17.72
C ARG B 194 -21.21 -28.38 -16.44
N PHE B 195 -20.26 -27.70 -15.77
CA PHE B 195 -20.52 -26.95 -14.54
C PHE B 195 -21.51 -25.80 -14.76
N LEU B 196 -21.26 -24.95 -15.77
CA LEU B 196 -22.13 -23.81 -16.07
C LEU B 196 -23.53 -24.25 -16.56
N GLU B 197 -23.61 -25.34 -17.33
CA GLU B 197 -24.90 -25.87 -17.83
C GLU B 197 -25.75 -26.31 -16.65
N ALA B 198 -25.14 -26.97 -15.65
CA ALA B 198 -25.82 -27.39 -14.43
C ALA B 198 -26.27 -26.19 -13.61
N GLN B 199 -25.45 -25.11 -13.59
CA GLN B 199 -25.79 -23.88 -12.89
C GLN B 199 -27.03 -23.24 -13.52
N VAL B 200 -27.14 -23.28 -14.86
CA VAL B 200 -28.27 -22.73 -15.60
C VAL B 200 -29.54 -23.52 -15.28
N GLN B 201 -29.46 -24.87 -15.28
CA GLN B 201 -30.59 -25.75 -14.97
C GLN B 201 -31.06 -25.54 -13.53
N SER B 202 -30.14 -25.29 -12.60
CA SER B 202 -30.48 -25.05 -11.20
C SER B 202 -31.09 -23.66 -11.00
N ALA B 203 -30.63 -22.66 -11.77
CA ALA B 203 -31.13 -21.28 -11.69
C ALA B 203 -32.59 -21.18 -12.14
N MET B 204 -32.99 -22.01 -13.12
CA MET B 204 -34.35 -22.02 -13.65
C MET B 204 -35.38 -22.46 -12.59
N GLU B 205 -34.98 -23.34 -11.66
CA GLU B 205 -35.87 -23.84 -10.62
C GLU B 205 -36.17 -22.85 -9.49
N GLU B 206 -35.52 -21.67 -9.49
CA GLU B 206 -35.72 -20.66 -8.43
C GLU B 206 -37.16 -20.15 -8.35
N PRO B 207 -37.73 -20.08 -7.14
CA PRO B 207 -39.12 -19.61 -7.02
C PRO B 207 -39.27 -18.11 -7.29
N VAL B 208 -38.41 -17.27 -6.68
CA VAL B 208 -38.47 -15.83 -6.90
C VAL B 208 -37.85 -15.51 -8.26
N GLU B 209 -38.53 -14.66 -9.05
CA GLU B 209 -38.06 -14.29 -10.39
C GLU B 209 -36.83 -13.39 -10.34
N LYS B 210 -36.72 -12.54 -9.31
CA LYS B 210 -35.57 -11.64 -9.15
C LYS B 210 -34.30 -12.45 -8.88
N ALA B 211 -34.42 -13.54 -8.10
CA ALA B 211 -33.30 -14.43 -7.76
C ALA B 211 -32.88 -15.30 -8.95
N LYS B 212 -33.85 -15.72 -9.78
CA LYS B 212 -33.58 -16.52 -10.97
C LYS B 212 -32.77 -15.70 -11.98
N ASN B 213 -33.13 -14.42 -12.13
CA ASN B 213 -32.48 -13.50 -13.07
C ASN B 213 -31.08 -13.13 -12.61
N TYR B 214 -30.85 -12.95 -11.29
CA TYR B 214 -29.51 -12.62 -10.79
C TYR B 214 -28.53 -13.73 -11.11
N ARG B 215 -28.96 -14.99 -10.91
CA ARG B 215 -28.13 -16.16 -11.20
C ARG B 215 -27.84 -16.31 -12.68
N LEU B 216 -28.84 -16.07 -13.55
CA LEU B 216 -28.62 -16.13 -15.00
C LEU B 216 -27.68 -15.01 -15.45
N MET B 217 -27.76 -13.83 -14.82
CA MET B 217 -26.88 -12.70 -15.11
C MET B 217 -25.46 -13.07 -14.68
N ASP B 218 -25.31 -13.67 -13.49
CA ASP B 218 -24.02 -14.08 -12.97
C ASP B 218 -23.37 -15.15 -13.83
N ILE B 219 -24.16 -16.13 -14.32
CA ILE B 219 -23.65 -17.19 -15.20
C ILE B 219 -23.11 -16.60 -16.52
N GLU B 220 -23.75 -15.53 -17.02
CA GLU B 220 -23.28 -14.85 -18.22
C GLU B 220 -21.93 -14.16 -17.94
N LYS B 221 -21.77 -13.53 -16.74
CA LYS B 221 -20.49 -12.92 -16.32
C LYS B 221 -19.37 -13.98 -16.33
N ARG B 222 -19.70 -15.20 -15.84
CA ARG B 222 -18.77 -16.34 -15.83
C ARG B 222 -18.35 -16.73 -17.26
N ARG B 223 -19.33 -16.80 -18.18
CA ARG B 223 -19.07 -17.13 -19.59
C ARG B 223 -18.13 -16.10 -20.23
N GLU B 224 -18.29 -14.82 -19.90
CA GLU B 224 -17.41 -13.76 -20.41
C GLU B 224 -15.98 -13.92 -19.83
N VAL B 225 -15.88 -14.34 -18.55
CA VAL B 225 -14.60 -14.61 -17.90
C VAL B 225 -13.88 -15.74 -18.64
N TYR B 226 -14.61 -16.84 -18.91
CA TYR B 226 -14.02 -18.00 -19.58
C TYR B 226 -13.71 -17.73 -21.04
N ARG B 227 -14.43 -16.81 -21.71
CA ARG B 227 -14.11 -16.44 -23.08
C ARG B 227 -12.73 -15.75 -23.12
N SER B 228 -12.42 -14.94 -22.07
CA SER B 228 -11.14 -14.22 -21.97
C SER B 228 -9.92 -15.16 -21.89
N ILE B 229 -10.14 -16.44 -21.53
CA ILE B 229 -9.04 -17.39 -21.45
C ILE B 229 -9.15 -18.50 -22.51
N PHE B 230 -10.37 -18.88 -22.91
CA PHE B 230 -10.54 -19.94 -23.90
C PHE B 230 -10.44 -19.44 -25.34
N ASP B 231 -10.54 -18.12 -25.56
CA ASP B 231 -10.38 -17.53 -26.88
C ASP B 231 -9.03 -16.83 -26.90
N PRO B 232 -8.03 -17.45 -27.53
CA PRO B 232 -6.69 -16.85 -27.56
C PRO B 232 -6.62 -15.42 -28.05
N ALA B 233 -7.54 -15.00 -28.92
CA ALA B 233 -7.56 -13.63 -29.42
C ALA B 233 -7.95 -12.64 -28.32
N VAL B 234 -8.88 -13.03 -27.43
CA VAL B 234 -9.28 -12.17 -26.32
C VAL B 234 -8.12 -12.02 -25.32
N HIS B 235 -7.35 -13.12 -25.10
CA HIS B 235 -6.18 -13.06 -24.24
C HIS B 235 -5.13 -12.14 -24.85
N ASP B 236 -4.88 -12.27 -26.16
CA ASP B 236 -3.89 -11.46 -26.89
C ASP B 236 -4.20 -9.98 -26.86
N ALA B 237 -5.49 -9.62 -26.87
CA ALA B 237 -5.89 -8.22 -26.80
C ALA B 237 -5.60 -7.65 -25.42
N LEU B 238 -5.86 -8.45 -24.37
CA LEU B 238 -5.60 -8.07 -22.97
C LEU B 238 -4.09 -7.88 -22.76
N VAL B 239 -3.26 -8.72 -23.40
CA VAL B 239 -1.81 -8.62 -23.32
C VAL B 239 -1.35 -7.31 -23.97
N ARG B 240 -1.94 -6.96 -25.13
CA ARG B 240 -1.62 -5.74 -25.87
C ARG B 240 -1.93 -4.48 -25.06
N ARG B 241 -3.08 -4.44 -24.34
CA ARG B 241 -3.45 -3.26 -23.56
C ARG B 241 -2.82 -3.22 -22.15
N GLY B 242 -1.89 -4.12 -21.85
CA GLY B 242 -1.19 -4.14 -20.57
C GLY B 242 -1.90 -4.82 -19.42
N ASP B 243 -3.11 -5.34 -19.65
CA ASP B 243 -3.89 -6.01 -18.61
C ASP B 243 -3.27 -7.36 -18.22
N ARG B 244 -2.55 -8.00 -19.16
CA ARG B 244 -1.86 -9.28 -18.97
C ARG B 244 -0.44 -9.18 -19.54
N ARG B 245 0.49 -9.98 -19.02
CA ARG B 245 1.88 -10.01 -19.48
C ARG B 245 2.29 -11.41 -19.98
N PHE B 246 1.60 -12.46 -19.49
CA PHE B 246 1.90 -13.84 -19.81
C PHE B 246 1.46 -14.26 -21.19
N SER B 247 2.22 -15.20 -21.78
CA SER B 247 1.81 -15.83 -23.04
C SER B 247 0.59 -16.71 -22.71
N HIS B 248 -0.25 -16.98 -23.70
CA HIS B 248 -1.44 -17.79 -23.49
C HIS B 248 -1.13 -19.16 -22.88
N ARG B 249 -0.01 -19.79 -23.28
CA ARG B 249 0.38 -21.10 -22.76
C ARG B 249 0.95 -21.00 -21.33
N ALA B 250 1.70 -19.91 -21.02
CA ALA B 250 2.22 -19.70 -19.66
C ALA B 250 1.02 -19.51 -18.70
N LEU B 251 0.00 -18.76 -19.13
CA LEU B 251 -1.22 -18.56 -18.35
C LEU B 251 -1.96 -19.88 -18.08
N GLN B 252 -2.01 -20.80 -19.07
CA GLN B 252 -2.65 -22.11 -18.93
C GLN B 252 -1.96 -22.93 -17.83
N GLY B 253 -0.62 -22.90 -17.86
CA GLY B 253 0.20 -23.60 -16.88
C GLY B 253 -0.02 -23.06 -15.47
N ALA B 254 -0.03 -21.73 -15.33
CA ALA B 254 -0.24 -21.08 -14.04
C ALA B 254 -1.62 -21.42 -13.48
N ILE B 255 -2.65 -21.47 -14.34
CA ILE B 255 -4.01 -21.82 -13.91
C ILE B 255 -4.06 -23.28 -13.42
N MET B 256 -3.42 -24.18 -14.16
CA MET B 256 -3.37 -25.59 -13.81
C MET B 256 -2.67 -25.79 -12.46
N ILE B 257 -1.57 -25.06 -12.24
CA ILE B 257 -0.84 -25.13 -10.98
C ILE B 257 -1.73 -24.76 -9.78
N THR B 258 -2.53 -23.67 -9.91
CA THR B 258 -3.43 -23.25 -8.82
C THR B 258 -4.56 -24.22 -8.56
N PHE B 259 -5.00 -24.95 -9.59
CA PHE B 259 -6.09 -25.91 -9.46
C PHE B 259 -5.64 -27.14 -8.67
N TYR B 260 -4.39 -27.58 -8.86
CA TYR B 260 -3.89 -28.78 -8.21
C TYR B 260 -2.87 -28.53 -7.11
N ARG B 261 -2.80 -27.31 -6.56
CA ARG B 261 -1.85 -26.93 -5.51
C ARG B 261 -1.81 -27.86 -4.28
N ASP B 262 -2.96 -28.47 -3.90
CA ASP B 262 -3.04 -29.42 -2.79
C ASP B 262 -2.32 -30.76 -3.07
N GLU B 263 -2.02 -31.06 -4.37
CA GLU B 263 -1.38 -32.29 -4.79
C GLU B 263 0.10 -32.19 -4.62
N PRO B 264 0.73 -33.24 -4.05
CA PRO B 264 2.19 -33.21 -3.85
C PRO B 264 3.04 -32.76 -5.03
N ARG B 265 2.68 -33.15 -6.26
CA ARG B 265 3.44 -32.79 -7.46
C ARG B 265 3.32 -31.31 -7.85
N PHE B 266 2.23 -30.67 -7.44
CA PHE B 266 1.99 -29.26 -7.77
C PHE B 266 2.22 -28.28 -6.60
N SER B 267 2.53 -28.77 -5.38
CA SER B 267 2.69 -27.88 -4.21
C SER B 267 3.91 -26.94 -4.29
N GLN B 268 5.11 -27.46 -4.64
CA GLN B 268 6.29 -26.60 -4.77
C GLN B 268 6.19 -25.62 -5.95
N PRO B 269 5.73 -26.04 -7.16
CA PRO B 269 5.54 -25.05 -8.24
C PRO B 269 4.55 -23.95 -7.84
N HIS B 270 3.53 -24.28 -7.01
CA HIS B 270 2.58 -23.27 -6.56
C HIS B 270 3.22 -22.31 -5.54
N GLN B 271 4.11 -22.84 -4.69
CA GLN B 271 4.86 -22.04 -3.72
C GLN B 271 5.81 -21.10 -4.45
N LEU B 272 6.41 -21.55 -5.57
CA LEU B 272 7.30 -20.73 -6.40
C LEU B 272 6.49 -19.51 -6.92
N LEU B 273 5.28 -19.75 -7.45
CA LEU B 273 4.42 -18.70 -7.94
C LEU B 273 3.99 -17.74 -6.83
N THR B 274 3.62 -18.27 -5.65
CA THR B 274 3.21 -17.48 -4.48
C THR B 274 4.31 -16.53 -4.03
N LEU B 275 5.56 -16.99 -4.03
CA LEU B 275 6.72 -16.19 -3.64
C LEU B 275 7.04 -15.09 -4.63
N LEU B 276 6.79 -15.32 -5.92
CA LEU B 276 6.96 -14.31 -6.97
C LEU B 276 5.94 -13.17 -6.73
N MET B 277 4.70 -13.53 -6.39
CA MET B 277 3.64 -12.59 -6.05
C MET B 277 4.03 -11.81 -4.78
N ASP B 278 4.52 -12.51 -3.73
CA ASP B 278 4.94 -11.89 -2.48
C ASP B 278 6.06 -10.88 -2.69
N ILE B 279 7.02 -11.19 -3.57
CA ILE B 279 8.13 -10.30 -3.90
C ILE B 279 7.61 -9.05 -4.60
N ASP B 280 6.71 -9.25 -5.57
CA ASP B 280 6.07 -8.19 -6.35
C ASP B 280 5.35 -7.23 -5.41
N SER B 281 4.53 -7.78 -4.51
CA SER B 281 3.74 -7.09 -3.50
C SER B 281 4.63 -6.34 -2.50
N LEU B 282 5.74 -6.95 -2.07
CA LEU B 282 6.67 -6.31 -1.14
C LEU B 282 7.43 -5.15 -1.75
N ILE B 283 7.76 -5.23 -3.05
CA ILE B 283 8.40 -4.10 -3.75
C ILE B 283 7.41 -2.93 -3.81
N THR B 284 6.13 -3.21 -4.03
CA THR B 284 5.10 -2.19 -4.04
C THR B 284 4.96 -1.56 -2.63
N LYS B 285 5.03 -2.39 -1.58
CA LYS B 285 4.94 -1.93 -0.19
C LYS B 285 6.13 -1.02 0.13
N TRP B 286 7.33 -1.34 -0.39
CA TRP B 286 8.48 -0.47 -0.20
C TRP B 286 8.22 0.86 -0.91
N ARG B 287 7.69 0.81 -2.17
CA ARG B 287 7.38 2.01 -2.95
C ARG B 287 6.41 2.92 -2.19
N TYR B 288 5.36 2.34 -1.60
CA TYR B 288 4.36 3.10 -0.86
C TYR B 288 4.99 3.74 0.38
N ASN B 289 5.75 2.96 1.17
CA ASN B 289 6.40 3.51 2.36
C ASN B 289 7.41 4.58 2.04
N HIS B 290 8.13 4.42 0.92
CA HIS B 290 9.10 5.41 0.47
C HIS B 290 8.39 6.73 0.12
N VAL B 291 7.25 6.71 -0.66
CA VAL B 291 6.50 7.94 -1.00
C VAL B 291 5.98 8.65 0.24
N ILE B 292 5.47 7.89 1.23
CA ILE B 292 4.98 8.47 2.48
C ILE B 292 6.13 9.20 3.21
N MET B 293 7.32 8.59 3.24
CA MET B 293 8.48 9.19 3.88
C MET B 293 8.92 10.46 3.13
N VAL B 294 8.96 10.40 1.77
CA VAL B 294 9.32 11.54 0.93
C VAL B 294 8.37 12.70 1.21
N GLN B 295 7.06 12.40 1.28
CA GLN B 295 6.07 13.43 1.55
C GLN B 295 6.17 14.01 2.93
N ARG B 296 6.50 13.19 3.94
CA ARG B 296 6.66 13.70 5.29
C ARG B 296 7.97 14.50 5.44
N MET B 297 9.01 14.22 4.63
CA MET B 297 10.27 14.97 4.69
C MET B 297 10.25 16.27 3.93
N ILE B 298 9.80 16.25 2.66
CA ILE B 298 9.86 17.40 1.76
C ILE B 298 8.53 17.76 1.08
N GLY B 299 7.42 17.20 1.55
CA GLY B 299 6.11 17.45 0.97
C GLY B 299 5.97 17.00 -0.47
N SER B 300 4.96 17.50 -1.18
CA SER B 300 4.81 17.19 -2.62
C SER B 300 5.81 18.05 -3.49
N GLN B 301 6.34 19.14 -2.91
CA GLN B 301 7.32 20.00 -3.56
C GLN B 301 8.05 20.86 -2.54
N GLN B 302 9.32 21.13 -2.77
CA GLN B 302 10.13 21.94 -1.86
C GLN B 302 11.21 22.74 -2.63
N LEU B 303 11.95 23.64 -1.92
CA LEU B 303 13.04 24.41 -2.49
C LEU B 303 14.10 23.44 -2.98
N GLY B 304 14.38 23.47 -4.27
CA GLY B 304 15.33 22.60 -4.90
C GLY B 304 14.69 21.54 -5.78
N THR B 305 13.36 21.31 -5.66
CA THR B 305 12.71 20.26 -6.44
C THR B 305 12.15 20.71 -7.79
N GLY B 306 12.05 21.99 -8.03
CA GLY B 306 11.50 22.51 -9.29
C GLY B 306 10.08 22.08 -9.54
N GLY B 307 9.24 22.09 -8.50
CA GLY B 307 7.86 21.65 -8.63
C GLY B 307 7.61 20.26 -8.06
N SER B 308 6.46 19.65 -8.40
CA SER B 308 6.02 18.37 -7.86
C SER B 308 6.22 17.14 -8.72
N SER B 309 6.99 17.24 -9.80
CA SER B 309 7.17 16.10 -10.71
C SER B 309 7.81 14.87 -10.06
N GLY B 310 8.76 15.07 -9.15
CA GLY B 310 9.39 13.95 -8.44
C GLY B 310 8.39 13.15 -7.62
N TYR B 311 7.61 13.86 -6.80
CA TYR B 311 6.56 13.27 -5.98
C TYR B 311 5.51 12.56 -6.84
N GLN B 312 5.05 13.24 -7.91
CA GLN B 312 4.04 12.69 -8.80
C GLN B 312 4.53 11.47 -9.53
N TYR B 313 5.81 11.45 -9.90
CA TYR B 313 6.40 10.27 -10.51
C TYR B 313 6.37 9.11 -9.51
N LEU B 314 6.79 9.35 -8.25
CA LEU B 314 6.81 8.29 -7.23
C LEU B 314 5.41 7.74 -6.98
N ARG B 315 4.38 8.61 -6.96
CA ARG B 315 3.01 8.13 -6.78
C ARG B 315 2.56 7.24 -7.98
N SER B 316 3.03 7.54 -9.20
CA SER B 316 2.64 6.74 -10.37
C SER B 316 3.34 5.38 -10.42
N THR B 317 4.46 5.19 -9.67
CA THR B 317 5.09 3.87 -9.60
C THR B 317 4.28 2.88 -8.76
N LEU B 318 3.23 3.35 -8.04
CA LEU B 318 2.34 2.49 -7.28
C LEU B 318 1.28 1.77 -8.17
N SER B 319 1.23 2.08 -9.47
CA SER B 319 0.28 1.47 -10.38
C SER B 319 0.66 0.06 -10.82
N ASP B 320 -0.32 -0.69 -11.35
CA ASP B 320 -0.12 -2.04 -11.86
C ASP B 320 0.88 -2.08 -13.03
N ARG B 321 1.26 -0.92 -13.60
CA ARG B 321 2.26 -0.83 -14.66
C ARG B 321 3.63 -1.34 -14.21
N TYR B 322 3.94 -1.18 -12.89
CA TYR B 322 5.20 -1.62 -12.29
C TYR B 322 5.13 -3.02 -11.65
N LYS B 323 3.94 -3.65 -11.63
CA LYS B 323 3.75 -5.00 -11.11
C LYS B 323 4.21 -5.95 -12.23
N VAL B 324 5.15 -6.85 -11.93
CA VAL B 324 5.71 -7.77 -12.91
C VAL B 324 4.85 -9.01 -13.15
N PHE B 325 4.46 -9.69 -12.09
CA PHE B 325 3.67 -10.91 -12.20
C PHE B 325 2.20 -10.62 -11.97
N LEU B 326 1.71 -9.58 -12.66
CA LEU B 326 0.33 -9.11 -12.58
C LEU B 326 -0.68 -10.22 -12.81
N ASP B 327 -0.42 -11.12 -13.78
CA ASP B 327 -1.30 -12.25 -14.11
C ASP B 327 -1.58 -13.15 -12.92
N LEU B 328 -0.54 -13.45 -12.12
CA LEU B 328 -0.67 -14.35 -10.99
C LEU B 328 -1.70 -13.92 -9.97
N PHE B 329 -1.83 -12.61 -9.74
CA PHE B 329 -2.77 -12.07 -8.75
C PHE B 329 -4.21 -12.33 -9.07
N ASN B 330 -4.55 -12.48 -10.37
CA ASN B 330 -5.94 -12.64 -10.78
C ASN B 330 -6.37 -14.08 -11.12
N LEU B 331 -5.51 -15.08 -10.90
CA LEU B 331 -5.81 -16.47 -11.26
C LEU B 331 -7.08 -17.06 -10.61
N SER B 332 -7.47 -16.64 -9.40
CA SER B 332 -8.67 -17.18 -8.77
C SER B 332 -9.99 -16.80 -9.46
N THR B 333 -9.95 -15.85 -10.40
CA THR B 333 -11.11 -15.47 -11.20
C THR B 333 -11.59 -16.67 -12.08
N PHE B 334 -10.69 -17.60 -12.45
CA PHE B 334 -10.95 -18.73 -13.34
C PHE B 334 -11.26 -20.07 -12.66
N LEU B 335 -11.23 -20.09 -11.33
CA LEU B 335 -11.44 -21.28 -10.52
C LEU B 335 -12.90 -21.80 -10.54
N ILE B 336 -13.04 -23.13 -10.53
CA ILE B 336 -14.32 -23.85 -10.42
C ILE B 336 -14.22 -24.76 -9.17
N PRO B 337 -15.35 -25.17 -8.57
CA PRO B 337 -15.26 -26.02 -7.37
C PRO B 337 -14.50 -27.32 -7.55
N ARG B 338 -14.08 -27.93 -6.43
CA ARG B 338 -13.31 -29.17 -6.44
C ARG B 338 -13.98 -30.29 -7.22
N GLU B 339 -15.31 -30.45 -7.01
CA GLU B 339 -16.12 -31.47 -7.68
C GLU B 339 -16.06 -31.31 -9.22
N ALA B 340 -15.94 -30.07 -9.71
CA ALA B 340 -15.88 -29.81 -11.14
C ALA B 340 -14.46 -29.85 -11.74
N ILE B 341 -13.42 -29.86 -10.91
CA ILE B 341 -12.04 -29.87 -11.44
C ILE B 341 -11.69 -31.24 -12.01
N PRO B 342 -11.15 -31.29 -13.25
CA PRO B 342 -10.81 -32.59 -13.87
C PRO B 342 -9.87 -33.43 -13.01
N PRO B 343 -10.28 -34.65 -12.64
CA PRO B 343 -9.43 -35.48 -11.75
C PRO B 343 -8.10 -35.89 -12.36
N LEU B 344 -7.01 -35.77 -11.58
CA LEU B 344 -5.67 -36.16 -12.00
C LEU B 344 -5.56 -37.70 -12.10
N ASP B 345 -4.93 -38.24 -13.16
CA ASP B 345 -4.77 -39.70 -13.28
C ASP B 345 -3.50 -40.10 -12.51
N GLU B 346 -2.32 -39.51 -12.89
CA GLU B 346 -0.99 -39.70 -12.32
C GLU B 346 0.05 -38.94 -13.16
CHA HEM C . -15.86 -5.95 2.07
CHB HEM C . -14.33 -10.29 0.46
CHC HEM C . -12.05 -11.07 4.70
CHD HEM C . -13.83 -6.90 6.37
C1A HEM C . -15.63 -7.09 1.23
C2A HEM C . -16.23 -7.27 -0.09
C3A HEM C . -15.77 -8.48 -0.56
C4A HEM C . -14.94 -9.04 0.49
CMA HEM C . -16.02 -9.12 -1.90
CAA HEM C . -17.22 -6.33 -0.74
CBA HEM C . -18.67 -6.70 -0.41
CGA HEM C . -19.21 -7.84 -1.22
O1A HEM C . -19.56 -8.91 -0.73
O2A HEM C . -19.25 -7.57 -2.52
C1B HEM C . -13.57 -10.91 1.49
C2B HEM C . -12.94 -12.22 1.37
C3B HEM C . -12.29 -12.42 2.57
C4B HEM C . -12.52 -11.26 3.40
CMB HEM C . -13.00 -13.11 0.17
CAB HEM C . -11.47 -13.57 2.98
CBB HEM C . -11.71 -14.86 2.87
C1C HEM C . -12.33 -9.97 5.55
C2C HEM C . -11.86 -9.85 6.91
C3C HEM C . -12.41 -8.68 7.39
C4C HEM C . -13.16 -8.10 6.32
CMC HEM C . -10.94 -10.82 7.60
CAC HEM C . -12.30 -8.08 8.71
CBC HEM C . -13.27 -7.73 9.56
C1D HEM C . -14.54 -6.26 5.34
C2D HEM C . -15.12 -4.93 5.45
C3D HEM C . -15.64 -4.64 4.21
C4D HEM C . -15.42 -5.81 3.38
CMD HEM C . -15.22 -4.13 6.71
CAD HEM C . -16.10 -3.28 3.76
CBD HEM C . -14.92 -2.45 3.30
CGD HEM C . -15.23 -1.06 2.79
O1D HEM C . -14.35 -0.28 2.51
O2D HEM C . -16.50 -0.77 2.68
NA HEM C . -14.86 -8.16 1.55
NB HEM C . -13.31 -10.35 2.70
NC HEM C . -13.10 -8.91 5.20
ND HEM C . -14.74 -6.78 4.11
FE HEM C . -13.97 -8.52 3.38
C4 A1IER D . -19.30 -12.88 0.20
C6 A1IER D . -18.44 -14.48 -1.55
C7 A1IER D . -19.46 -15.43 -1.51
C8 A1IER D . -19.57 -16.35 -2.54
C10 A1IER D . -17.68 -15.37 -3.64
N12 A1IER D . -17.10 -13.11 -0.07
C15 A1IER D . -19.31 -12.10 4.40
C20 A1IER D . -15.83 -10.05 5.25
C22 A1IER D . -16.62 -9.81 3.27
O1 A1IER D . -19.07 -9.77 1.67
C2 A1IER D . -19.20 -11.11 2.09
C3 A1IER D . -18.64 -12.06 1.08
N5 A1IER D . -18.32 -13.51 -0.49
C9 A1IER D . -18.69 -16.32 -3.60
C11 A1IER D . -17.55 -14.44 -2.62
N13 A1IER D . -17.30 -12.23 0.89
C14 A1IER D . -18.66 -11.31 3.49
C16 A1IER D . -18.81 -12.28 5.70
CL17 A1IER D . -19.67 -13.32 6.79
C18 A1IER D . -17.68 -11.66 6.11
C19 A1IER D . -16.98 -10.83 5.22
N21 A1IER D . -15.62 -9.43 4.04
N23 A1IER D . -17.48 -10.65 3.91
CHA HEM E . 13.56 8.39 -5.60
CHB HEM E . 13.25 11.44 -1.81
CHC HEM E . 14.99 7.96 1.10
CHD HEM E . 15.60 5.07 -2.72
C1A HEM E . 13.32 9.56 -4.82
C2A HEM E . 12.87 10.82 -5.36
C3A HEM E . 12.75 11.69 -4.29
C4A HEM E . 13.15 10.94 -3.12
CMA HEM E . 12.24 13.10 -4.29
CAA HEM E . 12.69 11.13 -6.83
CBA HEM E . 13.95 11.71 -7.45
CGA HEM E . 14.17 13.17 -7.15
O1A HEM E . 15.13 13.61 -6.54
O2A HEM E . 13.22 13.95 -7.60
C1B HEM E . 13.71 10.76 -0.66
C2B HEM E . 13.75 11.34 0.66
C3B HEM E . 14.23 10.33 1.49
C4B HEM E . 14.48 9.18 0.66
CMB HEM E . 13.34 12.74 1.01
CAB HEM E . 14.46 10.38 2.94
CBB HEM E . 15.02 11.31 3.69
C1C HEM E . 15.32 6.85 0.31
C2C HEM E . 15.91 5.61 0.81
C3C HEM E . 16.11 4.81 -0.31
C4C HEM E . 15.63 5.55 -1.44
CMC HEM E . 16.20 5.30 2.25
CAC HEM E . 16.69 3.47 -0.37
CBC HEM E . 17.70 3.05 -1.10
C1D HEM E . 15.09 5.72 -3.86
C2D HEM E . 15.00 5.11 -5.17
C3D HEM E . 14.36 6.03 -5.98
C4D HEM E . 14.13 7.21 -5.17
CMD HEM E . 15.59 3.80 -5.56
CAD HEM E . 13.78 5.76 -7.34
CBD HEM E . 12.41 5.10 -7.21
CGD HEM E . 11.69 4.79 -8.49
O1D HEM E . 10.64 4.18 -8.49
O2D HEM E . 12.26 5.20 -9.58
NA HEM E . 13.48 9.65 -3.48
NB HEM E . 14.16 9.48 -0.66
NC HEM E . 15.15 6.78 -1.04
ND HEM E . 14.59 6.98 -3.87
FE HEM E . 14.27 8.22 -2.28
C4 A1IER F . 17.19 15.12 -3.41
C6 A1IER F . 16.12 16.95 -2.07
C7 A1IER F . 17.16 17.87 -2.08
C8 A1IER F . 16.91 19.19 -1.73
C10 A1IER F . 14.61 18.67 -1.38
N12 A1IER F . 15.72 14.58 -1.83
C15 A1IER F . 19.71 11.71 -3.14
C20 A1IER F . 17.33 8.52 -2.06
C22 A1IER F . 16.37 10.09 -3.14
O1 A1IER F . 16.81 12.18 -5.14
C2 A1IER F . 17.71 12.72 -4.21
C3 A1IER F . 17.04 13.77 -3.37
N5 A1IER F . 16.36 15.60 -2.45
C9 A1IER F . 15.65 19.59 -1.38
C11 A1IER F . 14.84 17.36 -1.73
N13 A1IER F . 16.12 13.47 -2.39
C14 A1IER F . 18.39 11.62 -3.43
C16 A1IER F . 20.37 10.70 -2.43
CL17 A1IER F . 22.05 10.89 -2.09
C18 A1IER F . 19.71 9.59 -2.00
C19 A1IER F . 18.32 9.45 -2.30
N21 A1IER F . 16.12 8.92 -2.59
N23 A1IER F . 17.68 10.46 -3.00
#